data_1CIC
#
_entry.id   1CIC
#
_cell.length_a   75.110
_cell.length_b   77.650
_cell.length_c   96.750
_cell.angle_alpha   90.00
_cell.angle_beta   111.80
_cell.angle_gamma   90.00
#
_symmetry.space_group_name_H-M   'P 1 21 1'
#
loop_
_entity.id
_entity.type
_entity.pdbx_description
1 polymer 'PROTEIN (IG HEAVY CHAIN V REGIONS)'
2 polymer 'PROTEIN (IG HEAVY CHAIN V REGIONS)'
3 polymer 'PROTEIN (IG HEAVY CHAIN V REGIONS)'
4 polymer 'PROTEIN (IG HEAVY CHAIN V REGIONS)'
5 water water
#
loop_
_entity_poly.entity_id
_entity_poly.type
_entity_poly.pdbx_seq_one_letter_code
_entity_poly.pdbx_strand_id
1 'polypeptide(L)'
;DIVMTQSHKFMSTSVGDRVSITCKASQDVRIAVAWYQQKPGQSPKLLIYWASTRHTGVPDRFTGSGSGTDFTLTISNVQS
EDLADYFCQHCGSYPFTFGSGTKLEIKRADAAPTVSIFPPSSEQLTSGGASVVCFLNNFYPKDINVKWKIDGSERQNGVL
DSWTDQDSKDSTYSMSSTLTLTKDEYERHNSYTCEATHKTSTSPIVKSFNRNEC
;
A
2 'polypeptide(L)'
;QVQLQQPGSELVRPGASVKLSCKASGYTFTNYWMHWVKQRPGQGLEWIGNIYPGSGDSNYDEKFKSKATLTVDTSSSTAY
MQLSGLTSEDSAVYYCARGLAFYFDHWGQGTTLTVSSALTTPPSVYPLAPGCGDTTGSSVTLGCLVKGYFPEPVTVTWNS
GSLSSSVHTFPALLQSGLYTMSSSVTVPSSTWPSETVTCSVAHPASSTTVDKKLEPS
;
B
3 'polypeptide(L)'
;DIQMTQSPASLSASVGETVTITCRASGNIHNYLAWYQQKQGKSPQLLVYYTTTLADGVPSRFSGSGSGTQYSLKINSLQP
EDFGSYYCQHFWSTPRTFGGGTKLELKRADAAPTVSIFPPSSEQLTSGGASVVCFLNNFYPKDINVKWKIDGSERQNGVL
DSWTDQDSKDSTYSMSSTLTLTKDEYERHNSYTCEATHKTSTSPIVKSFNRNEC
;
C
4 'polypeptide(L)'
;QVQLKESGPGLVAPSQSLSITCTVSGFSLTGYGVNWVRQPPGKGLEWLGMIWGDGNTDYNSALKSRLSISKDNSKSQVFL
KMNSLHTDDTARYYCARERDYRLDYWGQGTTLTVSSASTTPPSVFPLAPGSAAQTNSMVTLGCLVKGYFPEPVTVTWNSG
SLSSGVHTFPAVLQSDLYTLSSSVTVPSSPRPSETVTCNVAHPASSTKVDKKIVPRDC
;
D
#
# COMPACT_ATOMS: atom_id res chain seq x y z
N ASP A 1 6.61 -20.60 7.58
CA ASP A 1 5.61 -19.72 6.91
C ASP A 1 4.69 -19.20 8.02
N ILE A 2 4.13 -18.02 7.77
CA ILE A 2 3.19 -17.42 8.74
C ILE A 2 1.88 -18.17 8.53
N VAL A 3 1.32 -18.66 9.62
CA VAL A 3 0.05 -19.37 9.55
C VAL A 3 -0.97 -18.42 10.20
N MET A 4 -2.01 -18.14 9.50
CA MET A 4 -3.07 -17.24 9.98
C MET A 4 -4.17 -18.23 10.40
N THR A 5 -4.48 -18.24 11.65
CA THR A 5 -5.47 -19.17 12.19
C THR A 5 -6.77 -18.54 12.62
N GLN A 6 -7.86 -18.93 12.01
CA GLN A 6 -9.24 -18.50 12.33
C GLN A 6 -9.73 -19.82 12.97
N SER A 7 -9.81 -19.82 14.27
CA SER A 7 -10.17 -20.99 15.06
C SER A 7 -11.62 -21.42 15.05
N HIS A 8 -12.52 -20.48 14.80
CA HIS A 8 -13.94 -20.79 14.74
C HIS A 8 -14.36 -20.84 13.27
N LYS A 9 -14.93 -21.95 12.85
CA LYS A 9 -15.42 -22.07 11.45
C LYS A 9 -16.78 -21.43 11.25
N PHE A 10 -17.57 -21.29 12.31
CA PHE A 10 -18.92 -20.69 12.26
C PHE A 10 -19.10 -19.72 13.42
N MET A 11 -19.99 -18.76 13.20
CA MET A 11 -20.28 -17.69 14.20
C MET A 11 -21.75 -17.36 14.13
N SER A 12 -22.47 -17.63 15.19
CA SER A 12 -23.92 -17.40 15.29
C SER A 12 -24.16 -16.04 15.90
N THR A 13 -25.00 -15.27 15.28
CA THR A 13 -25.29 -13.94 15.84
C THR A 13 -26.69 -13.64 15.38
N SER A 14 -27.34 -12.70 15.99
CA SER A 14 -28.73 -12.29 15.71
C SER A 14 -28.68 -11.00 14.92
N VAL A 15 -29.63 -10.81 14.04
CA VAL A 15 -29.52 -9.53 13.29
C VAL A 15 -29.75 -8.50 14.40
N GLY A 16 -28.79 -7.62 14.52
CA GLY A 16 -28.77 -6.54 15.50
C GLY A 16 -27.64 -6.68 16.48
N ASP A 17 -27.04 -7.83 16.63
CA ASP A 17 -25.93 -8.02 17.56
C ASP A 17 -24.62 -7.43 16.93
N ARG A 18 -23.57 -7.62 17.72
CA ARG A 18 -22.19 -7.25 17.47
C ARG A 18 -21.48 -8.62 17.42
N VAL A 19 -20.68 -8.82 16.41
CA VAL A 19 -19.96 -10.09 16.25
C VAL A 19 -18.49 -9.67 16.06
N SER A 20 -17.59 -10.54 16.44
CA SER A 20 -16.17 -10.29 16.35
C SER A 20 -15.48 -11.64 16.07
N ILE A 21 -14.85 -11.60 14.91
CA ILE A 21 -14.10 -12.68 14.30
C ILE A 21 -12.65 -12.32 14.55
N THR A 22 -11.94 -13.15 15.22
CA THR A 22 -10.53 -13.02 15.54
C THR A 22 -9.73 -13.87 14.54
N CYS A 23 -8.49 -13.53 14.36
CA CYS A 23 -7.57 -14.20 13.41
C CYS A 23 -6.28 -14.17 14.18
N LYS A 24 -5.55 -15.19 14.29
CA LYS A 24 -4.31 -15.08 15.13
C LYS A 24 -3.20 -15.54 14.22
N ALA A 25 -2.12 -14.78 14.25
CA ALA A 25 -0.94 -15.02 13.40
C ALA A 25 0.12 -15.73 14.22
N SER A 26 0.83 -16.67 13.63
CA SER A 26 1.84 -17.48 14.28
C SER A 26 3.04 -16.73 14.78
N GLN A 27 3.14 -15.46 14.48
CA GLN A 27 4.30 -14.64 14.92
C GLN A 27 3.90 -13.19 14.81
N ASP A 28 4.67 -12.26 15.34
CA ASP A 28 4.33 -10.83 15.25
C ASP A 28 4.39 -10.44 13.76
N VAL A 29 3.32 -9.85 13.32
CA VAL A 29 3.12 -9.43 11.92
C VAL A 29 2.70 -8.00 11.81
N ARG A 30 2.97 -7.26 12.85
CA ARG A 30 2.74 -5.88 13.20
C ARG A 30 1.39 -5.44 12.68
N ILE A 31 1.20 -4.84 11.56
CA ILE A 31 -0.19 -4.52 11.17
C ILE A 31 -0.47 -5.00 9.74
N ALA A 32 0.32 -5.95 9.26
CA ALA A 32 0.20 -6.42 7.89
C ALA A 32 -0.89 -7.45 7.73
N VAL A 33 -2.14 -7.10 7.93
CA VAL A 33 -3.30 -8.01 7.84
C VAL A 33 -4.49 -7.38 7.09
N ALA A 34 -5.20 -8.09 6.25
CA ALA A 34 -6.36 -7.57 5.50
C ALA A 34 -7.53 -8.49 5.75
N TRP A 35 -8.76 -8.10 5.50
CA TRP A 35 -9.97 -8.86 5.76
C TRP A 35 -10.85 -8.89 4.54
N TYR A 36 -11.25 -10.04 4.11
CA TYR A 36 -12.12 -10.15 2.94
C TYR A 36 -13.44 -10.81 3.33
N GLN A 37 -14.42 -10.37 2.57
CA GLN A 37 -15.76 -10.92 2.73
C GLN A 37 -16.05 -11.77 1.50
N GLN A 38 -16.66 -12.93 1.63
CA GLN A 38 -17.03 -13.70 0.44
C GLN A 38 -18.51 -14.07 0.64
N LYS A 39 -19.38 -13.37 -0.08
CA LYS A 39 -20.81 -13.76 0.06
C LYS A 39 -20.86 -15.02 -0.81
N PRO A 40 -21.60 -16.03 -0.40
CA PRO A 40 -21.75 -17.27 -1.17
C PRO A 40 -21.99 -17.06 -2.67
N GLY A 41 -21.18 -17.79 -3.42
CA GLY A 41 -21.21 -17.77 -4.88
C GLY A 41 -20.87 -16.41 -5.47
N GLN A 42 -19.75 -15.92 -4.93
CA GLN A 42 -19.21 -14.61 -5.39
C GLN A 42 -17.78 -14.52 -4.90
N SER A 43 -17.09 -13.59 -5.52
CA SER A 43 -15.64 -13.37 -5.24
C SER A 43 -15.52 -12.53 -3.99
N PRO A 44 -14.48 -12.84 -3.25
CA PRO A 44 -14.17 -12.07 -2.03
C PRO A 44 -14.12 -10.60 -2.39
N LYS A 45 -14.36 -9.79 -1.40
CA LYS A 45 -14.36 -8.33 -1.47
C LYS A 45 -13.44 -7.83 -0.34
N LEU A 46 -12.79 -6.70 -0.54
CA LEU A 46 -11.92 -6.14 0.52
C LEU A 46 -12.71 -5.32 1.54
N LEU A 47 -12.48 -5.65 2.81
CA LEU A 47 -13.12 -4.87 3.86
C LEU A 47 -12.08 -3.97 4.55
N ILE A 48 -11.04 -4.56 5.08
CA ILE A 48 -10.02 -3.87 5.83
C ILE A 48 -8.62 -4.15 5.32
N TYR A 49 -7.75 -3.14 5.47
CA TYR A 49 -6.34 -3.36 5.07
C TYR A 49 -5.45 -2.63 6.09
N TRP A 50 -4.22 -3.08 6.18
CA TRP A 50 -3.21 -2.52 7.14
C TRP A 50 -3.89 -2.53 8.49
N ALA A 51 -4.35 -3.70 8.84
CA ALA A 51 -5.08 -4.08 10.04
C ALA A 51 -6.27 -3.24 10.44
N SER A 52 -6.56 -2.05 9.98
CA SER A 52 -7.79 -1.38 10.48
C SER A 52 -8.19 -0.21 9.60
N THR A 53 -7.62 -0.16 8.41
CA THR A 53 -7.99 0.94 7.48
C THR A 53 -9.12 0.36 6.65
N ARG A 54 -10.28 0.88 6.87
CA ARG A 54 -11.49 0.45 6.19
C ARG A 54 -11.39 0.97 4.77
N HIS A 55 -11.85 0.14 3.88
CA HIS A 55 -11.83 0.40 2.43
C HIS A 55 -13.06 1.11 1.93
N THR A 56 -12.99 1.70 0.76
CA THR A 56 -14.11 2.46 0.21
C THR A 56 -15.37 1.62 0.03
N GLY A 57 -16.40 2.13 0.67
CA GLY A 57 -17.72 1.53 0.60
C GLY A 57 -18.01 0.46 1.59
N VAL A 58 -17.08 0.19 2.47
CA VAL A 58 -17.40 -0.84 3.49
C VAL A 58 -18.14 0.00 4.53
N PRO A 59 -19.31 -0.39 4.92
CA PRO A 59 -20.10 0.34 5.91
C PRO A 59 -19.34 0.28 7.22
N ASP A 60 -19.43 1.39 7.97
CA ASP A 60 -18.70 1.43 9.25
C ASP A 60 -19.21 0.43 10.27
N ARG A 61 -20.02 -0.53 9.97
CA ARG A 61 -20.42 -1.49 11.01
C ARG A 61 -19.11 -2.32 11.19
N PHE A 62 -18.45 -2.38 10.05
CA PHE A 62 -17.19 -3.13 9.95
C PHE A 62 -16.05 -2.31 10.53
N THR A 63 -15.29 -2.84 11.45
CA THR A 63 -14.13 -2.20 12.01
C THR A 63 -13.05 -3.28 12.24
N GLY A 64 -11.79 -2.93 12.06
CA GLY A 64 -10.64 -3.84 12.21
C GLY A 64 -9.77 -3.42 13.38
N SER A 65 -9.12 -4.33 14.07
CA SER A 65 -8.29 -3.99 15.23
C SER A 65 -7.14 -4.96 15.38
N GLY A 66 -6.07 -4.53 15.98
CA GLY A 66 -4.94 -5.42 16.18
C GLY A 66 -3.64 -4.86 15.61
N SER A 67 -2.62 -5.31 16.31
CA SER A 67 -1.23 -5.03 16.07
C SER A 67 -0.52 -6.24 16.65
N GLY A 68 0.28 -7.01 15.98
CA GLY A 68 0.99 -8.09 16.60
C GLY A 68 0.76 -9.47 16.07
N THR A 69 -0.12 -10.18 16.79
CA THR A 69 -0.56 -11.54 16.52
C THR A 69 -2.07 -11.69 16.55
N ASP A 70 -2.80 -10.81 17.19
CA ASP A 70 -4.27 -10.91 17.33
C ASP A 70 -5.05 -9.80 16.67
N PHE A 71 -5.72 -10.28 15.61
CA PHE A 71 -6.55 -9.33 14.82
C PHE A 71 -8.00 -9.64 15.01
N THR A 72 -8.84 -8.64 14.91
CA THR A 72 -10.27 -8.80 15.08
C THR A 72 -11.07 -7.96 14.12
N LEU A 73 -12.09 -8.61 13.57
CA LEU A 73 -12.98 -7.88 12.65
C LEU A 73 -14.27 -7.88 13.52
N THR A 74 -14.84 -6.71 13.58
CA THR A 74 -16.05 -6.56 14.40
C THR A 74 -17.14 -5.99 13.54
N ILE A 75 -18.26 -6.66 13.54
CA ILE A 75 -19.42 -6.23 12.78
C ILE A 75 -20.37 -5.83 13.91
N SER A 76 -20.78 -4.60 13.78
CA SER A 76 -21.72 -4.08 14.78
C SER A 76 -23.07 -4.16 14.05
N ASN A 77 -24.12 -4.27 14.84
CA ASN A 77 -25.46 -4.27 14.21
C ASN A 77 -25.47 -5.16 13.00
N VAL A 78 -25.19 -6.43 13.29
CA VAL A 78 -25.16 -7.43 12.23
C VAL A 78 -26.47 -7.47 11.44
N GLN A 79 -26.41 -7.15 10.19
CA GLN A 79 -27.51 -7.19 9.24
C GLN A 79 -27.61 -8.67 8.80
N SER A 80 -28.64 -8.99 8.06
CA SER A 80 -28.81 -10.37 7.58
C SER A 80 -27.79 -10.58 6.46
N GLU A 81 -27.74 -9.57 5.58
CA GLU A 81 -26.84 -9.52 4.45
C GLU A 81 -25.34 -9.49 4.76
N ASP A 82 -24.93 -9.69 5.99
CA ASP A 82 -23.50 -9.73 6.35
C ASP A 82 -23.24 -11.26 6.48
N LEU A 83 -24.30 -11.97 6.14
CA LEU A 83 -24.22 -13.46 6.20
C LEU A 83 -23.25 -13.77 5.05
N ALA A 84 -22.09 -14.23 5.44
CA ALA A 84 -21.04 -14.56 4.46
C ALA A 84 -19.86 -15.16 5.22
N ASP A 85 -18.82 -15.32 4.44
CA ASP A 85 -17.56 -15.91 4.90
C ASP A 85 -16.50 -14.82 5.04
N TYR A 86 -15.73 -14.88 6.11
CA TYR A 86 -14.71 -13.88 6.41
C TYR A 86 -13.33 -14.46 6.58
N PHE A 87 -12.42 -13.97 5.76
CA PHE A 87 -11.02 -14.39 5.75
C PHE A 87 -10.05 -13.24 6.08
N CYS A 88 -9.02 -13.61 6.80
CA CYS A 88 -7.97 -12.66 7.16
C CYS A 88 -6.78 -13.11 6.26
N GLN A 89 -6.05 -12.09 5.82
CA GLN A 89 -4.89 -12.25 4.95
C GLN A 89 -3.67 -11.62 5.59
N HIS A 90 -2.54 -12.18 5.41
CA HIS A 90 -1.27 -11.61 6.00
C HIS A 90 -0.42 -11.00 4.93
N CYS A 91 0.11 -9.84 4.92
CA CYS A 91 0.89 -9.18 3.88
C CYS A 91 2.33 -8.90 4.21
N GLY A 92 2.79 -9.35 5.34
CA GLY A 92 4.11 -9.13 5.84
C GLY A 92 5.22 -9.62 4.95
N SER A 93 5.01 -10.74 4.31
CA SER A 93 6.02 -11.36 3.45
C SER A 93 5.36 -12.26 2.46
N TYR A 94 6.12 -12.64 1.40
CA TYR A 94 5.62 -13.57 0.37
C TYR A 94 5.96 -15.00 0.85
N PRO A 95 5.04 -15.95 0.67
CA PRO A 95 3.74 -15.79 0.07
C PRO A 95 2.74 -15.38 1.12
N PHE A 96 1.73 -14.72 0.64
CA PHE A 96 0.64 -14.27 1.50
C PHE A 96 -0.11 -15.57 1.85
N THR A 97 -0.47 -15.74 3.09
CA THR A 97 -1.28 -16.86 3.61
C THR A 97 -2.57 -16.21 4.10
N PHE A 98 -3.64 -16.95 4.12
CA PHE A 98 -4.98 -16.62 4.51
C PHE A 98 -5.41 -17.46 5.74
N GLY A 99 -6.43 -16.98 6.40
CA GLY A 99 -7.01 -17.63 7.59
C GLY A 99 -8.11 -18.52 6.97
N SER A 100 -8.44 -19.56 7.64
CA SER A 100 -9.40 -20.60 7.30
C SER A 100 -10.76 -20.11 6.83
N GLY A 101 -11.15 -18.92 7.30
CA GLY A 101 -12.49 -18.36 6.91
C GLY A 101 -13.37 -18.68 8.13
N THR A 102 -14.34 -17.82 8.32
CA THR A 102 -15.33 -17.87 9.38
C THR A 102 -16.67 -17.48 8.71
N LYS A 103 -17.55 -18.46 8.75
CA LYS A 103 -18.87 -18.26 8.14
C LYS A 103 -19.77 -17.72 9.24
N LEU A 104 -20.52 -16.71 8.89
CA LEU A 104 -21.45 -16.05 9.80
C LEU A 104 -22.84 -16.62 9.56
N GLU A 105 -23.35 -17.28 10.59
CA GLU A 105 -24.68 -17.89 10.61
C GLU A 105 -25.62 -17.01 11.42
N ILE A 106 -26.71 -16.70 10.77
CA ILE A 106 -27.76 -15.87 11.39
C ILE A 106 -28.70 -16.73 12.22
N LYS A 107 -28.85 -16.33 13.45
CA LYS A 107 -29.69 -16.95 14.47
C LYS A 107 -31.16 -16.69 14.17
N ARG A 108 -31.88 -17.76 14.31
CA ARG A 108 -33.33 -17.86 14.05
C ARG A 108 -33.93 -18.78 15.10
N ALA A 109 -35.26 -18.83 15.11
CA ALA A 109 -35.99 -19.72 16.01
C ALA A 109 -35.96 -21.10 15.34
N ASP A 110 -36.13 -22.08 16.20
CA ASP A 110 -36.14 -23.45 15.65
C ASP A 110 -37.37 -23.57 14.74
N ALA A 111 -37.21 -24.45 13.78
CA ALA A 111 -38.15 -24.84 12.74
C ALA A 111 -37.88 -26.33 12.43
N ALA A 112 -38.95 -27.10 12.35
CA ALA A 112 -38.86 -28.55 12.08
C ALA A 112 -39.02 -28.70 10.57
N PRO A 113 -38.34 -29.68 10.02
CA PRO A 113 -38.44 -29.88 8.57
C PRO A 113 -39.81 -30.33 8.13
N THR A 114 -40.13 -29.95 6.92
CA THR A 114 -41.36 -30.37 6.20
C THR A 114 -40.71 -31.42 5.29
N VAL A 115 -40.94 -32.68 5.54
CA VAL A 115 -40.37 -33.79 4.78
C VAL A 115 -41.30 -34.20 3.65
N SER A 116 -40.74 -34.73 2.59
CA SER A 116 -41.43 -35.21 1.40
C SER A 116 -40.59 -36.38 0.84
N ILE A 117 -41.28 -37.47 0.60
CA ILE A 117 -40.66 -38.67 0.05
C ILE A 117 -41.29 -38.81 -1.34
N PHE A 118 -40.49 -39.22 -2.28
CA PHE A 118 -40.92 -39.38 -3.66
C PHE A 118 -40.42 -40.73 -4.18
N PRO A 119 -41.36 -41.46 -4.74
CA PRO A 119 -41.01 -42.75 -5.35
C PRO A 119 -40.22 -42.49 -6.65
N PRO A 120 -39.40 -43.43 -7.08
CA PRO A 120 -38.65 -43.38 -8.35
C PRO A 120 -39.63 -43.10 -9.48
N SER A 121 -39.36 -42.21 -10.41
CA SER A 121 -40.26 -41.82 -11.50
C SER A 121 -40.43 -42.92 -12.55
N SER A 122 -41.63 -42.96 -13.09
CA SER A 122 -42.00 -43.96 -14.12
C SER A 122 -40.98 -43.97 -15.24
N GLU A 123 -40.64 -42.76 -15.65
CA GLU A 123 -39.68 -42.50 -16.71
C GLU A 123 -38.31 -43.06 -16.33
N GLN A 124 -37.86 -42.88 -15.10
CA GLN A 124 -36.56 -43.38 -14.66
C GLN A 124 -36.51 -44.90 -14.74
N LEU A 125 -37.52 -45.55 -14.20
CA LEU A 125 -37.60 -47.02 -14.18
C LEU A 125 -37.48 -47.70 -15.53
N THR A 126 -38.05 -47.08 -16.56
CA THR A 126 -38.02 -47.63 -17.92
C THR A 126 -36.57 -47.82 -18.36
N SER A 127 -35.75 -46.91 -17.85
CA SER A 127 -34.32 -46.96 -18.21
C SER A 127 -33.48 -47.49 -17.08
N GLY A 128 -34.01 -48.49 -16.38
CA GLY A 128 -33.40 -49.20 -15.32
C GLY A 128 -32.87 -48.72 -14.05
N GLY A 129 -33.21 -47.48 -13.63
CA GLY A 129 -32.68 -47.01 -12.32
C GLY A 129 -33.89 -46.71 -11.42
N ALA A 130 -33.51 -46.49 -10.16
CA ALA A 130 -34.55 -46.16 -9.17
C ALA A 130 -34.00 -45.21 -8.13
N SER A 131 -34.31 -43.92 -8.30
CA SER A 131 -33.87 -42.91 -7.32
C SER A 131 -35.12 -42.50 -6.52
N VAL A 132 -35.07 -42.81 -5.24
CA VAL A 132 -36.14 -42.45 -4.29
C VAL A 132 -35.54 -41.16 -3.65
N VAL A 133 -36.24 -40.06 -3.72
CA VAL A 133 -35.81 -38.77 -3.18
C VAL A 133 -36.58 -38.38 -1.92
N CYS A 134 -35.91 -37.58 -1.10
CA CYS A 134 -36.57 -37.13 0.12
C CYS A 134 -36.02 -35.73 0.43
N PHE A 135 -36.94 -34.79 0.41
CA PHE A 135 -36.62 -33.41 0.72
C PHE A 135 -37.08 -33.16 2.19
N LEU A 136 -36.12 -32.61 2.92
CA LEU A 136 -36.31 -32.23 4.33
C LEU A 136 -36.05 -30.72 4.18
N ASN A 137 -37.11 -30.00 3.95
CA ASN A 137 -36.97 -28.57 3.74
C ASN A 137 -37.28 -27.70 4.94
N ASN A 138 -36.79 -26.49 4.82
CA ASN A 138 -37.01 -25.40 5.72
C ASN A 138 -36.96 -25.52 7.20
N PHE A 139 -35.92 -26.08 7.75
CA PHE A 139 -35.74 -26.24 9.18
C PHE A 139 -34.57 -25.39 9.72
N TYR A 140 -34.42 -25.52 11.03
CA TYR A 140 -33.40 -24.85 11.82
C TYR A 140 -33.29 -25.37 13.23
N PRO A 141 -32.16 -25.55 13.86
CA PRO A 141 -30.79 -25.41 13.37
C PRO A 141 -30.45 -26.42 12.28
N LYS A 142 -29.30 -26.32 11.67
CA LYS A 142 -28.85 -27.17 10.58
C LYS A 142 -28.53 -28.59 10.99
N ASP A 143 -28.51 -28.86 12.27
CA ASP A 143 -28.21 -30.24 12.74
C ASP A 143 -29.53 -31.03 12.69
N ILE A 144 -29.49 -31.91 11.73
CA ILE A 144 -30.53 -32.86 11.34
C ILE A 144 -29.84 -34.18 10.94
N ASN A 145 -30.55 -35.27 11.11
CA ASN A 145 -30.07 -36.63 10.82
C ASN A 145 -31.03 -37.38 9.93
N VAL A 146 -30.53 -38.19 9.01
CA VAL A 146 -31.40 -38.93 8.08
C VAL A 146 -30.97 -40.37 7.89
N LYS A 147 -31.96 -41.22 7.73
CA LYS A 147 -31.72 -42.65 7.49
C LYS A 147 -32.87 -43.20 6.67
N TRP A 148 -32.46 -44.09 5.78
CA TRP A 148 -33.38 -44.78 4.88
C TRP A 148 -33.57 -46.24 5.36
N LYS A 149 -34.85 -46.52 5.58
CA LYS A 149 -35.28 -47.86 5.97
C LYS A 149 -36.15 -48.38 4.83
N ILE A 150 -35.63 -49.43 4.23
CA ILE A 150 -36.30 -50.15 3.13
C ILE A 150 -36.82 -51.43 3.82
N ASP A 151 -38.12 -51.49 4.03
CA ASP A 151 -38.70 -52.69 4.69
C ASP A 151 -37.89 -53.00 5.95
N GLY A 152 -37.92 -52.06 6.88
CA GLY A 152 -37.23 -52.16 8.17
C GLY A 152 -35.72 -52.16 8.07
N SER A 153 -35.21 -52.48 6.90
CA SER A 153 -33.73 -52.52 6.68
C SER A 153 -33.22 -51.09 6.50
N GLU A 154 -32.41 -50.66 7.47
CA GLU A 154 -31.84 -49.31 7.39
C GLU A 154 -30.74 -49.34 6.33
N ARG A 155 -31.08 -48.85 5.14
CA ARG A 155 -30.10 -48.84 4.06
C ARG A 155 -29.44 -47.45 4.00
N GLN A 156 -28.20 -47.47 4.46
CA GLN A 156 -27.41 -46.23 4.39
C GLN A 156 -26.29 -46.67 3.41
N ASN A 157 -26.69 -46.60 2.15
CA ASN A 157 -25.83 -46.96 1.03
C ASN A 157 -26.53 -46.49 -0.26
N GLY A 158 -25.75 -45.85 -1.10
CA GLY A 158 -26.23 -45.29 -2.38
C GLY A 158 -27.05 -44.04 -2.06
N VAL A 159 -26.75 -43.50 -0.91
CA VAL A 159 -27.37 -42.31 -0.34
C VAL A 159 -26.47 -41.07 -0.48
N LEU A 160 -27.10 -40.07 -1.05
CA LEU A 160 -26.46 -38.79 -1.27
C LEU A 160 -27.31 -37.74 -0.54
N ASP A 161 -26.62 -37.01 0.29
CA ASP A 161 -27.34 -35.93 1.04
C ASP A 161 -26.73 -34.63 0.48
N SER A 162 -27.56 -33.64 0.27
CA SER A 162 -27.10 -32.38 -0.26
C SER A 162 -27.78 -31.23 0.45
N TRP A 163 -26.92 -30.57 1.20
CA TRP A 163 -27.28 -29.42 2.01
C TRP A 163 -27.10 -28.08 1.29
N THR A 164 -28.12 -27.33 1.54
CA THR A 164 -28.38 -25.96 1.13
C THR A 164 -27.62 -25.06 2.09
N ASP A 165 -27.31 -23.87 1.65
CA ASP A 165 -26.62 -22.92 2.53
C ASP A 165 -27.80 -22.18 3.20
N GLN A 166 -27.60 -21.71 4.40
CA GLN A 166 -28.64 -20.97 5.14
C GLN A 166 -29.35 -20.01 4.20
N ASP A 167 -30.66 -19.97 4.10
CA ASP A 167 -31.32 -19.04 3.17
C ASP A 167 -31.32 -17.62 3.70
N SER A 168 -31.17 -16.67 2.81
CA SER A 168 -31.19 -15.24 3.13
C SER A 168 -32.58 -14.77 3.55
N LYS A 169 -33.55 -15.30 2.83
CA LYS A 169 -34.96 -15.06 3.00
C LYS A 169 -35.57 -15.52 4.32
N ASP A 170 -35.03 -16.53 4.99
CA ASP A 170 -35.67 -16.98 6.25
C ASP A 170 -34.73 -17.72 7.19
N SER A 171 -33.46 -17.62 6.94
CA SER A 171 -32.40 -18.21 7.74
C SER A 171 -32.58 -19.66 8.10
N THR A 172 -33.30 -20.36 7.26
CA THR A 172 -33.53 -21.80 7.44
C THR A 172 -32.50 -22.57 6.58
N TYR A 173 -32.61 -23.88 6.64
CA TYR A 173 -31.82 -24.88 5.94
C TYR A 173 -32.75 -25.88 5.27
N SER A 174 -32.33 -26.41 4.13
CA SER A 174 -33.17 -27.42 3.43
C SER A 174 -32.16 -28.50 2.99
N MET A 175 -32.68 -29.67 2.70
CA MET A 175 -31.78 -30.75 2.29
C MET A 175 -32.48 -31.81 1.47
N SER A 176 -31.72 -32.54 0.69
CA SER A 176 -32.25 -33.66 -0.10
C SER A 176 -31.41 -34.91 0.25
N SER A 177 -32.13 -35.99 0.31
CA SER A 177 -31.62 -37.33 0.57
C SER A 177 -32.08 -38.20 -0.63
N THR A 178 -31.13 -38.75 -1.33
CA THR A 178 -31.43 -39.60 -2.47
C THR A 178 -30.79 -40.96 -2.26
N LEU A 179 -31.62 -41.95 -2.51
CA LEU A 179 -31.32 -43.37 -2.45
C LEU A 179 -31.53 -43.79 -3.94
N THR A 180 -30.39 -44.00 -4.53
CA THR A 180 -30.26 -44.39 -5.93
C THR A 180 -30.11 -45.90 -5.99
N LEU A 181 -31.12 -46.61 -6.44
CA LEU A 181 -31.05 -48.08 -6.54
C LEU A 181 -31.22 -48.42 -8.04
N THR A 182 -30.97 -49.70 -8.32
CA THR A 182 -31.16 -50.21 -9.70
C THR A 182 -32.56 -50.82 -9.68
N LYS A 183 -33.31 -50.65 -10.74
CA LYS A 183 -34.69 -51.14 -10.85
C LYS A 183 -34.99 -52.46 -10.18
N ASP A 184 -34.03 -53.38 -10.21
CA ASP A 184 -34.27 -54.69 -9.59
C ASP A 184 -34.30 -54.58 -8.07
N GLU A 185 -33.38 -53.79 -7.55
CA GLU A 185 -33.35 -53.61 -6.07
C GLU A 185 -34.69 -53.06 -5.58
N TYR A 186 -35.21 -52.09 -6.31
CA TYR A 186 -36.47 -51.40 -6.03
C TYR A 186 -37.66 -52.36 -6.09
N GLU A 187 -37.72 -53.11 -7.17
CA GLU A 187 -38.81 -54.08 -7.40
C GLU A 187 -38.91 -55.15 -6.34
N ARG A 188 -37.78 -55.51 -5.75
CA ARG A 188 -37.74 -56.51 -4.69
C ARG A 188 -38.15 -55.93 -3.35
N HIS A 189 -38.97 -54.88 -3.29
CA HIS A 189 -39.40 -54.31 -2.00
C HIS A 189 -40.65 -53.45 -2.08
N ASN A 190 -41.20 -53.12 -0.89
CA ASN A 190 -42.40 -52.24 -0.90
C ASN A 190 -42.21 -51.04 0.05
N SER A 191 -41.97 -51.23 1.34
CA SER A 191 -41.79 -50.11 2.27
C SER A 191 -40.43 -49.40 2.10
N TYR A 192 -40.59 -48.10 1.91
CA TYR A 192 -39.57 -47.09 1.71
C TYR A 192 -39.82 -45.95 2.69
N THR A 193 -38.90 -45.73 3.60
CA THR A 193 -39.12 -44.65 4.58
C THR A 193 -37.88 -43.79 4.78
N CYS A 194 -38.25 -42.52 4.86
CA CYS A 194 -37.38 -41.37 5.08
C CYS A 194 -37.56 -40.94 6.55
N GLU A 195 -36.57 -41.33 7.32
CA GLU A 195 -36.59 -41.01 8.77
C GLU A 195 -35.61 -39.91 9.09
N ALA A 196 -36.11 -38.78 9.53
CA ALA A 196 -35.30 -37.60 9.90
C ALA A 196 -35.49 -37.31 11.39
N THR A 197 -34.38 -37.03 12.02
CA THR A 197 -34.33 -36.71 13.46
C THR A 197 -33.77 -35.31 13.69
N HIS A 198 -34.63 -34.48 14.26
CA HIS A 198 -34.31 -33.05 14.52
C HIS A 198 -34.87 -32.59 15.86
N LYS A 199 -34.06 -31.82 16.56
CA LYS A 199 -34.34 -31.28 17.87
C LYS A 199 -35.73 -30.70 18.07
N THR A 200 -36.48 -30.49 17.02
CA THR A 200 -37.83 -29.93 17.16
C THR A 200 -38.85 -30.97 17.60
N SER A 201 -38.47 -32.22 17.44
CA SER A 201 -39.30 -33.38 17.75
C SER A 201 -38.49 -34.47 18.45
N THR A 202 -39.21 -35.22 19.28
CA THR A 202 -38.56 -36.35 19.98
C THR A 202 -38.81 -37.56 19.09
N SER A 203 -39.78 -37.30 18.23
CA SER A 203 -40.24 -38.20 17.21
C SER A 203 -39.46 -38.02 15.91
N PRO A 204 -38.89 -39.07 15.38
CA PRO A 204 -38.23 -39.03 14.06
C PRO A 204 -39.33 -38.66 13.06
N ILE A 205 -39.14 -37.72 12.15
CA ILE A 205 -40.21 -37.38 11.18
C ILE A 205 -40.09 -38.52 10.14
N VAL A 206 -41.20 -39.17 9.91
CA VAL A 206 -41.17 -40.33 8.97
C VAL A 206 -42.18 -40.13 7.86
N LYS A 207 -41.61 -40.21 6.67
CA LYS A 207 -42.40 -40.08 5.43
C LYS A 207 -42.14 -41.46 4.81
N SER A 208 -43.18 -42.10 4.38
CA SER A 208 -43.02 -43.45 3.80
C SER A 208 -44.01 -43.65 2.67
N PHE A 209 -43.73 -44.70 1.94
CA PHE A 209 -44.59 -45.11 0.80
C PHE A 209 -44.34 -46.63 0.69
N ASN A 210 -45.26 -47.26 -0.02
CA ASN A 210 -45.19 -48.72 -0.23
C ASN A 210 -45.30 -48.94 -1.73
N ARG A 211 -44.26 -49.52 -2.29
CA ARG A 211 -44.14 -49.81 -3.71
C ARG A 211 -45.47 -50.08 -4.39
N ASN A 212 -46.28 -50.94 -3.77
CA ASN A 212 -47.59 -51.24 -4.37
C ASN A 212 -48.66 -50.64 -3.41
N GLU A 213 -49.25 -49.62 -3.96
CA GLU A 213 -50.34 -48.83 -3.39
C GLU A 213 -50.99 -48.25 -4.69
N CYS A 214 -50.34 -48.74 -5.73
CA CYS A 214 -50.53 -48.50 -7.15
C CYS A 214 -49.70 -49.63 -7.80
N GLN B 1 -16.68 0.50 -13.05
CA GLN B 1 -15.53 1.02 -13.79
C GLN B 1 -14.36 0.04 -13.78
N VAL B 2 -13.84 -0.30 -12.60
CA VAL B 2 -12.74 -1.30 -12.65
C VAL B 2 -13.44 -2.63 -12.94
N GLN B 3 -13.20 -3.22 -14.09
CA GLN B 3 -13.82 -4.53 -14.44
C GLN B 3 -12.67 -5.52 -14.61
N LEU B 4 -12.77 -6.70 -14.12
CA LEU B 4 -11.75 -7.79 -14.26
C LEU B 4 -12.55 -8.93 -14.88
N GLN B 5 -12.61 -9.06 -16.17
CA GLN B 5 -13.35 -10.05 -16.96
C GLN B 5 -12.59 -11.37 -17.06
N GLN B 6 -13.10 -12.43 -16.51
CA GLN B 6 -12.52 -13.77 -16.58
C GLN B 6 -13.56 -14.71 -17.22
N PRO B 7 -13.19 -15.66 -18.04
CA PRO B 7 -14.17 -16.60 -18.64
C PRO B 7 -14.74 -17.44 -17.52
N GLY B 8 -15.96 -17.88 -17.65
CA GLY B 8 -16.72 -18.65 -16.71
C GLY B 8 -16.25 -20.00 -16.32
N SER B 9 -15.90 -20.87 -17.27
CA SER B 9 -15.41 -22.22 -16.91
C SER B 9 -14.47 -22.65 -18.05
N GLU B 10 -13.73 -23.68 -17.76
CA GLU B 10 -12.77 -24.32 -18.63
C GLU B 10 -12.75 -25.80 -18.22
N LEU B 11 -12.81 -26.63 -19.26
CA LEU B 11 -12.78 -28.09 -19.07
C LEU B 11 -11.52 -28.54 -19.76
N VAL B 12 -10.65 -29.24 -19.09
CA VAL B 12 -9.40 -29.69 -19.70
C VAL B 12 -9.19 -31.12 -19.14
N ARG B 13 -8.32 -31.80 -19.84
CA ARG B 13 -7.93 -33.15 -19.57
C ARG B 13 -6.61 -33.19 -18.76
N PRO B 14 -6.53 -34.26 -17.97
CA PRO B 14 -5.36 -34.52 -17.14
C PRO B 14 -4.15 -34.40 -18.02
N GLY B 15 -3.07 -33.94 -17.44
CA GLY B 15 -1.79 -33.73 -18.07
C GLY B 15 -1.70 -32.58 -19.02
N ALA B 16 -2.75 -31.83 -19.29
CA ALA B 16 -2.76 -30.71 -20.22
C ALA B 16 -2.43 -29.38 -19.57
N SER B 17 -2.47 -28.28 -20.31
CA SER B 17 -2.22 -26.92 -19.89
C SER B 17 -3.43 -26.07 -20.30
N VAL B 18 -3.53 -24.91 -19.65
CA VAL B 18 -4.61 -23.95 -19.91
C VAL B 18 -3.99 -22.59 -19.53
N LYS B 19 -4.48 -21.60 -20.26
CA LYS B 19 -4.03 -20.22 -20.12
C LYS B 19 -5.27 -19.40 -19.82
N LEU B 20 -5.44 -19.22 -18.55
CA LEU B 20 -6.56 -18.47 -17.99
C LEU B 20 -6.39 -17.01 -18.33
N SER B 21 -7.41 -16.23 -18.58
CA SER B 21 -7.23 -14.81 -18.89
C SER B 21 -8.09 -13.97 -17.96
N CYS B 22 -7.80 -12.68 -17.96
CA CYS B 22 -8.41 -11.63 -17.14
C CYS B 22 -8.31 -10.33 -17.87
N LYS B 23 -9.35 -9.84 -18.54
CA LYS B 23 -9.22 -8.56 -19.29
C LYS B 23 -9.66 -7.46 -18.40
N ALA B 24 -8.77 -6.54 -18.15
CA ALA B 24 -8.97 -5.39 -17.25
C ALA B 24 -9.56 -4.17 -17.92
N SER B 25 -10.32 -3.41 -17.17
CA SER B 25 -10.97 -2.20 -17.71
C SER B 25 -11.13 -1.16 -16.62
N GLY B 26 -11.19 0.10 -17.03
CA GLY B 26 -11.38 1.22 -16.14
C GLY B 26 -10.27 1.63 -15.24
N TYR B 27 -9.03 1.38 -15.57
CA TYR B 27 -7.91 1.81 -14.72
C TYR B 27 -6.63 1.61 -15.51
N THR B 28 -5.55 2.34 -15.17
CA THR B 28 -4.29 2.19 -15.94
C THR B 28 -3.72 0.82 -15.67
N PHE B 29 -3.92 -0.13 -16.54
CA PHE B 29 -3.44 -1.48 -16.30
C PHE B 29 -2.03 -1.58 -15.75
N THR B 30 -1.10 -0.78 -16.24
CA THR B 30 0.29 -0.89 -15.77
C THR B 30 0.60 -0.36 -14.41
N ASN B 31 -0.26 0.27 -13.69
CA ASN B 31 0.02 0.81 -12.36
C ASN B 31 -0.41 -0.04 -11.18
N TYR B 32 -0.99 -1.18 -11.35
CA TYR B 32 -1.39 -2.01 -10.24
C TYR B 32 -0.93 -3.43 -10.41
N TRP B 33 -0.48 -4.01 -9.32
CA TRP B 33 -0.07 -5.43 -9.39
C TRP B 33 -1.31 -6.22 -9.78
N MET B 34 -1.13 -7.40 -10.27
CA MET B 34 -2.20 -8.32 -10.66
C MET B 34 -1.85 -9.57 -9.86
N HIS B 35 -2.85 -10.01 -9.08
CA HIS B 35 -2.71 -11.21 -8.25
C HIS B 35 -3.60 -12.34 -8.74
N TRP B 36 -3.21 -13.57 -8.44
CA TRP B 36 -3.92 -14.81 -8.81
C TRP B 36 -4.06 -15.63 -7.54
N VAL B 37 -5.33 -15.98 -7.33
CA VAL B 37 -5.79 -16.73 -6.15
C VAL B 37 -6.68 -17.90 -6.48
N LYS B 38 -6.37 -19.06 -5.98
CA LYS B 38 -7.11 -20.32 -6.16
C LYS B 38 -8.08 -20.55 -5.00
N GLN B 39 -9.18 -21.22 -5.16
CA GLN B 39 -10.15 -21.52 -4.09
C GLN B 39 -10.65 -22.93 -4.39
N ARG B 40 -10.21 -23.92 -3.67
CA ARG B 40 -10.70 -25.32 -3.92
C ARG B 40 -12.13 -25.39 -3.36
N PRO B 41 -12.94 -26.24 -3.98
CA PRO B 41 -14.36 -26.44 -3.69
C PRO B 41 -14.70 -26.38 -2.22
N GLY B 42 -15.33 -25.28 -1.85
CA GLY B 42 -15.75 -25.05 -0.45
C GLY B 42 -14.63 -25.21 0.57
N GLN B 43 -13.56 -24.48 0.29
CA GLN B 43 -12.37 -24.47 1.15
C GLN B 43 -11.79 -23.04 1.15
N GLY B 44 -10.54 -23.02 1.62
CA GLY B 44 -9.80 -21.77 1.72
C GLY B 44 -9.29 -21.22 0.39
N LEU B 45 -8.72 -20.04 0.55
CA LEU B 45 -8.10 -19.21 -0.46
C LEU B 45 -6.58 -19.49 -0.51
N GLU B 46 -6.03 -19.47 -1.70
CA GLU B 46 -4.60 -19.67 -1.83
C GLU B 46 -4.12 -18.68 -2.92
N TRP B 47 -3.14 -17.95 -2.45
CA TRP B 47 -2.45 -16.95 -3.26
C TRP B 47 -1.37 -17.71 -4.05
N ILE B 48 -1.37 -17.58 -5.36
CA ILE B 48 -0.42 -18.21 -6.28
C ILE B 48 0.77 -17.29 -6.53
N GLY B 49 0.53 -16.09 -7.01
CA GLY B 49 1.62 -15.13 -7.22
C GLY B 49 1.00 -13.79 -7.64
N ASN B 50 1.89 -12.82 -7.84
CA ASN B 50 1.50 -11.49 -8.30
C ASN B 50 2.49 -11.08 -9.41
N ILE B 51 2.10 -10.21 -10.31
CA ILE B 51 2.96 -9.73 -11.33
C ILE B 51 2.68 -8.22 -11.47
N TYR B 52 3.74 -7.44 -11.70
CA TYR B 52 3.60 -5.97 -11.91
C TYR B 52 3.60 -5.78 -13.41
N PRO B 53 2.48 -5.38 -14.00
CA PRO B 53 2.37 -5.24 -15.45
C PRO B 53 3.41 -4.31 -16.04
N GLY B 54 3.65 -3.23 -15.39
CA GLY B 54 4.58 -2.21 -15.77
C GLY B 54 5.99 -2.64 -15.94
N SER B 55 6.50 -3.57 -15.18
CA SER B 55 7.90 -3.99 -15.28
C SER B 55 8.03 -5.44 -15.49
N GLY B 56 7.04 -6.22 -15.09
CA GLY B 56 7.16 -7.67 -15.28
C GLY B 56 7.71 -8.30 -14.03
N ASP B 57 7.97 -7.57 -12.96
CA ASP B 57 8.44 -8.24 -11.71
C ASP B 57 7.29 -9.10 -11.19
N SER B 58 7.68 -10.27 -10.67
CA SER B 58 6.60 -11.17 -10.19
C SER B 58 7.09 -11.91 -8.97
N ASN B 59 6.15 -12.31 -8.16
CA ASN B 59 6.39 -13.07 -6.92
C ASN B 59 5.40 -14.23 -6.96
N TYR B 60 5.88 -15.40 -6.64
CA TYR B 60 5.17 -16.66 -6.62
C TYR B 60 5.22 -17.34 -5.25
N ASP B 61 4.27 -18.18 -4.96
CA ASP B 61 4.33 -19.02 -3.74
C ASP B 61 5.19 -20.19 -4.25
N GLU B 62 6.30 -20.57 -3.72
CA GLU B 62 7.03 -21.69 -4.38
C GLU B 62 6.20 -22.90 -4.67
N LYS B 63 5.14 -23.23 -3.97
CA LYS B 63 4.31 -24.41 -4.26
C LYS B 63 3.92 -24.38 -5.73
N PHE B 64 3.62 -23.24 -6.29
CA PHE B 64 3.20 -23.16 -7.71
C PHE B 64 4.29 -22.85 -8.72
N LYS B 65 5.54 -22.76 -8.31
CA LYS B 65 6.65 -22.39 -9.17
C LYS B 65 6.72 -23.09 -10.51
N SER B 66 6.55 -24.38 -10.56
CA SER B 66 6.67 -25.10 -11.84
C SER B 66 5.33 -25.25 -12.56
N LYS B 67 4.28 -24.87 -11.85
CA LYS B 67 2.94 -25.00 -12.42
C LYS B 67 2.32 -23.75 -12.95
N ALA B 68 2.51 -22.60 -12.35
CA ALA B 68 1.88 -21.35 -12.79
C ALA B 68 2.87 -20.40 -13.45
N THR B 69 2.46 -19.68 -14.49
CA THR B 69 3.34 -18.73 -15.19
C THR B 69 2.49 -17.48 -15.42
N LEU B 70 2.88 -16.37 -14.84
CA LEU B 70 2.14 -15.10 -14.94
C LEU B 70 2.74 -14.28 -16.09
N THR B 71 1.81 -13.70 -16.78
CA THR B 71 2.16 -12.95 -18.01
C THR B 71 1.19 -11.87 -18.20
N VAL B 72 1.54 -10.92 -19.04
CA VAL B 72 0.70 -9.72 -19.26
C VAL B 72 0.71 -9.29 -20.70
N ASP B 73 -0.35 -8.62 -21.11
CA ASP B 73 -0.48 -8.05 -22.43
C ASP B 73 -0.96 -6.60 -22.22
N THR B 74 0.07 -5.81 -22.17
CA THR B 74 0.04 -4.34 -22.00
C THR B 74 -0.93 -3.78 -23.00
N SER B 75 -0.72 -4.13 -24.25
CA SER B 75 -1.53 -3.69 -25.38
C SER B 75 -3.01 -3.96 -25.19
N SER B 76 -3.41 -5.02 -24.54
CA SER B 76 -4.87 -5.24 -24.40
C SER B 76 -5.32 -5.22 -22.96
N SER B 77 -4.37 -4.92 -22.05
CA SER B 77 -4.76 -4.87 -20.64
C SER B 77 -5.32 -6.23 -20.21
N THR B 78 -4.66 -7.31 -20.58
CA THR B 78 -5.12 -8.64 -20.16
C THR B 78 -4.08 -9.31 -19.31
N ALA B 79 -4.39 -9.94 -18.22
CA ALA B 79 -3.32 -10.62 -17.42
C ALA B 79 -3.58 -12.09 -17.75
N TYR B 80 -2.66 -12.98 -17.73
CA TYR B 80 -2.86 -14.39 -17.98
C TYR B 80 -2.07 -15.19 -16.93
N MET B 81 -2.56 -16.35 -16.69
CA MET B 81 -1.91 -17.31 -15.79
C MET B 81 -2.05 -18.61 -16.62
N GLN B 82 -0.98 -19.31 -16.79
CA GLN B 82 -0.99 -20.55 -17.54
C GLN B 82 -0.68 -21.61 -16.52
N LEU B 83 -1.49 -22.63 -16.46
CA LEU B 83 -1.25 -23.75 -15.51
C LEU B 83 -0.76 -24.93 -16.35
N SER B 84 0.24 -25.63 -15.86
CA SER B 84 0.73 -26.77 -16.66
C SER B 84 0.68 -28.08 -15.92
N GLY B 85 0.33 -29.11 -16.67
CA GLY B 85 0.27 -30.48 -16.11
C GLY B 85 -0.83 -30.67 -15.12
N LEU B 86 -1.99 -30.23 -15.52
CA LEU B 86 -3.15 -30.32 -14.64
C LEU B 86 -3.43 -31.75 -14.29
N THR B 87 -3.69 -31.91 -13.02
CA THR B 87 -4.07 -33.16 -12.39
C THR B 87 -5.49 -32.78 -11.94
N SER B 88 -6.19 -33.72 -11.41
CA SER B 88 -7.55 -33.45 -10.97
C SER B 88 -7.54 -32.46 -9.83
N GLU B 89 -6.53 -32.57 -8.97
CA GLU B 89 -6.53 -31.65 -7.81
C GLU B 89 -6.22 -30.21 -8.14
N ASP B 90 -6.19 -29.83 -9.39
CA ASP B 90 -5.98 -28.47 -9.89
C ASP B 90 -7.36 -27.89 -10.26
N SER B 91 -8.43 -28.62 -9.99
CA SER B 91 -9.75 -28.05 -10.36
C SER B 91 -10.20 -27.11 -9.24
N ALA B 92 -10.64 -25.91 -9.64
CA ALA B 92 -11.09 -24.95 -8.62
C ALA B 92 -11.51 -23.64 -9.23
N VAL B 93 -11.70 -22.63 -8.40
CA VAL B 93 -12.01 -21.30 -8.96
C VAL B 93 -10.65 -20.58 -8.84
N TYR B 94 -10.24 -19.99 -9.92
CA TYR B 94 -9.02 -19.24 -10.09
C TYR B 94 -9.49 -17.81 -10.29
N TYR B 95 -9.22 -16.93 -9.38
CA TYR B 95 -9.61 -15.55 -9.48
C TYR B 95 -8.32 -14.68 -9.69
N CYS B 96 -8.55 -13.60 -10.42
CA CYS B 96 -7.50 -12.63 -10.64
C CYS B 96 -8.00 -11.45 -9.75
N ALA B 97 -7.12 -10.66 -9.22
CA ALA B 97 -7.41 -9.49 -8.40
C ALA B 97 -6.30 -8.47 -8.63
N ARG B 98 -6.64 -7.20 -8.77
CA ARG B 98 -5.63 -6.16 -8.92
C ARG B 98 -5.52 -5.49 -7.53
N GLY B 99 -4.39 -4.86 -7.35
CA GLY B 99 -4.15 -4.19 -6.07
C GLY B 99 -2.75 -3.62 -6.09
N LEU B 100 -2.33 -3.26 -4.93
CA LEU B 100 -1.02 -2.70 -4.61
C LEU B 100 -0.22 -3.98 -4.46
N ALA B 101 1.01 -3.88 -4.12
CA ALA B 101 1.76 -5.12 -3.97
C ALA B 101 1.19 -6.01 -2.90
N PHE B 102 0.54 -5.53 -1.85
CA PHE B 102 0.13 -6.41 -0.74
C PHE B 102 -1.28 -6.79 -0.46
N TYR B 103 -2.26 -6.21 -1.03
CA TYR B 103 -3.66 -6.52 -0.77
C TYR B 103 -4.34 -6.32 -2.10
N PHE B 104 -5.49 -6.94 -2.32
CA PHE B 104 -6.20 -6.90 -3.62
C PHE B 104 -7.51 -6.19 -3.44
N ASP B 105 -7.81 -5.10 -4.09
CA ASP B 105 -9.04 -4.36 -3.94
C ASP B 105 -10.14 -4.57 -4.95
N HIS B 106 -9.98 -5.27 -6.01
CA HIS B 106 -10.90 -5.58 -7.06
C HIS B 106 -10.68 -7.02 -7.51
N TRP B 107 -11.72 -7.83 -7.45
CA TRP B 107 -11.50 -9.22 -7.91
C TRP B 107 -12.31 -9.43 -9.19
N GLY B 108 -11.82 -10.41 -9.92
CA GLY B 108 -12.51 -10.82 -11.14
C GLY B 108 -13.54 -11.83 -10.58
N GLN B 109 -14.34 -12.22 -11.54
CA GLN B 109 -15.44 -13.18 -11.37
C GLN B 109 -14.98 -14.56 -11.04
N GLY B 110 -13.92 -15.04 -11.64
CA GLY B 110 -13.41 -16.40 -11.37
C GLY B 110 -13.71 -17.25 -12.59
N THR B 111 -12.86 -18.20 -12.80
CA THR B 111 -12.99 -19.15 -13.92
C THR B 111 -12.98 -20.46 -13.12
N THR B 112 -14.00 -21.27 -13.32
CA THR B 112 -13.96 -22.57 -12.57
C THR B 112 -13.38 -23.50 -13.64
N LEU B 113 -12.27 -24.11 -13.30
CA LEU B 113 -11.54 -25.01 -14.18
C LEU B 113 -11.78 -26.44 -13.71
N THR B 114 -12.27 -27.28 -14.63
CA THR B 114 -12.49 -28.69 -14.27
C THR B 114 -11.41 -29.48 -14.99
N VAL B 115 -10.69 -30.29 -14.26
CA VAL B 115 -9.66 -31.14 -14.92
C VAL B 115 -10.20 -32.57 -14.82
N SER B 116 -10.67 -33.09 -15.95
CA SER B 116 -11.28 -34.42 -16.01
C SER B 116 -11.18 -35.07 -17.37
N SER B 117 -11.14 -36.38 -17.30
CA SER B 117 -11.11 -37.37 -18.34
C SER B 117 -12.57 -37.68 -18.73
N ALA B 118 -13.47 -37.16 -17.91
CA ALA B 118 -14.91 -37.33 -18.12
C ALA B 118 -15.33 -36.69 -19.46
N LEU B 119 -16.40 -37.29 -19.93
CA LEU B 119 -17.05 -36.96 -21.22
C LEU B 119 -18.23 -36.04 -20.98
N THR B 120 -18.36 -35.05 -21.85
CA THR B 120 -19.46 -34.08 -21.73
C THR B 120 -20.74 -34.85 -21.94
N THR B 121 -21.58 -34.97 -20.96
CA THR B 121 -22.84 -35.70 -21.09
C THR B 121 -23.99 -34.78 -20.71
N PRO B 122 -25.12 -34.95 -21.33
CA PRO B 122 -26.33 -34.14 -21.01
C PRO B 122 -27.03 -34.83 -19.83
N PRO B 123 -27.89 -34.13 -19.14
CA PRO B 123 -28.65 -34.63 -18.01
C PRO B 123 -29.99 -35.23 -18.41
N SER B 124 -30.42 -36.17 -17.63
CA SER B 124 -31.68 -36.90 -17.66
C SER B 124 -32.50 -36.17 -16.56
N VAL B 125 -33.59 -35.51 -16.90
CA VAL B 125 -34.37 -34.84 -15.83
C VAL B 125 -35.64 -35.67 -15.59
N TYR B 126 -35.92 -36.03 -14.35
CA TYR B 126 -37.11 -36.76 -13.97
C TYR B 126 -37.91 -35.91 -12.97
N PRO B 127 -39.18 -35.75 -13.21
CA PRO B 127 -40.07 -35.01 -12.33
C PRO B 127 -40.40 -35.90 -11.13
N LEU B 128 -40.60 -35.26 -10.00
CA LEU B 128 -40.96 -35.84 -8.72
C LEU B 128 -42.28 -35.19 -8.25
N ALA B 129 -43.39 -35.90 -8.47
CA ALA B 129 -44.74 -35.50 -8.07
C ALA B 129 -45.04 -36.42 -6.87
N PRO B 130 -45.87 -35.98 -5.95
CA PRO B 130 -46.24 -36.80 -4.77
C PRO B 130 -46.88 -38.07 -5.31
N GLY B 131 -46.33 -39.20 -4.95
CA GLY B 131 -46.83 -40.51 -5.44
C GLY B 131 -48.13 -40.95 -4.80
N CYS B 132 -48.65 -42.08 -5.28
CA CYS B 132 -49.89 -42.67 -4.76
C CYS B 132 -49.75 -43.00 -3.27
N GLY B 133 -50.76 -42.61 -2.52
CA GLY B 133 -50.73 -42.87 -1.05
C GLY B 133 -51.05 -41.49 -0.42
N ASP B 134 -51.58 -40.69 -1.30
CA ASP B 134 -52.03 -39.33 -1.19
C ASP B 134 -52.56 -38.83 0.15
N THR B 135 -52.38 -37.54 0.31
CA THR B 135 -52.83 -36.77 1.48
C THR B 135 -52.42 -35.33 1.17
N THR B 136 -53.09 -34.79 0.18
CA THR B 136 -52.80 -33.41 -0.24
C THR B 136 -53.36 -32.40 0.76
N GLY B 137 -52.52 -31.47 1.17
CA GLY B 137 -52.98 -30.41 2.10
C GLY B 137 -53.25 -29.16 1.23
N SER B 138 -52.90 -28.04 1.81
CA SER B 138 -53.06 -26.73 1.15
C SER B 138 -51.83 -26.41 0.30
N SER B 139 -50.74 -27.13 0.55
CA SER B 139 -49.46 -27.00 -0.15
C SER B 139 -49.01 -28.40 -0.64
N VAL B 140 -48.25 -28.37 -1.71
CA VAL B 140 -47.68 -29.49 -2.39
C VAL B 140 -46.21 -29.14 -2.72
N THR B 141 -45.34 -30.09 -2.60
CA THR B 141 -43.94 -29.95 -2.94
C THR B 141 -43.70 -30.85 -4.16
N LEU B 142 -43.14 -30.29 -5.19
CA LEU B 142 -42.81 -30.96 -6.45
C LEU B 142 -41.29 -30.84 -6.60
N GLY B 143 -40.71 -31.63 -7.47
CA GLY B 143 -39.25 -31.58 -7.69
C GLY B 143 -38.85 -32.08 -9.08
N CYS B 144 -37.56 -31.97 -9.32
CA CYS B 144 -36.94 -32.44 -10.54
C CYS B 144 -35.62 -33.06 -10.10
N LEU B 145 -35.43 -34.25 -10.53
CA LEU B 145 -34.18 -34.97 -10.27
C LEU B 145 -33.40 -34.74 -11.57
N VAL B 146 -32.25 -34.13 -11.52
CA VAL B 146 -31.37 -33.85 -12.63
C VAL B 146 -30.13 -34.75 -12.48
N LYS B 147 -30.03 -35.77 -13.34
CA LYS B 147 -28.83 -36.63 -13.16
C LYS B 147 -28.07 -37.00 -14.41
N GLY B 148 -26.94 -37.62 -14.08
CA GLY B 148 -25.94 -38.13 -14.98
C GLY B 148 -25.40 -37.19 -16.00
N TYR B 149 -25.15 -35.95 -15.59
CA TYR B 149 -24.63 -34.90 -16.47
C TYR B 149 -23.21 -34.53 -16.09
N PHE B 150 -22.53 -34.02 -17.11
CA PHE B 150 -21.17 -33.56 -16.97
C PHE B 150 -20.81 -32.62 -18.12
N PRO B 151 -20.01 -31.60 -17.85
CA PRO B 151 -19.49 -31.20 -16.53
C PRO B 151 -20.55 -30.31 -15.86
N GLU B 152 -20.14 -29.70 -14.75
CA GLU B 152 -21.06 -28.77 -14.01
C GLU B 152 -21.04 -27.50 -14.86
N PRO B 153 -22.02 -26.67 -14.94
CA PRO B 153 -23.32 -26.64 -14.34
C PRO B 153 -24.54 -26.72 -15.25
N VAL B 154 -25.66 -26.76 -14.58
CA VAL B 154 -27.05 -26.89 -15.00
C VAL B 154 -27.83 -25.78 -14.32
N THR B 155 -28.85 -25.27 -14.98
CA THR B 155 -29.66 -24.20 -14.44
C THR B 155 -31.12 -24.66 -14.50
N VAL B 156 -31.67 -24.85 -13.33
CA VAL B 156 -33.00 -25.30 -13.11
C VAL B 156 -33.92 -24.13 -12.79
N THR B 157 -34.79 -23.85 -13.74
CA THR B 157 -35.74 -22.74 -13.47
C THR B 157 -37.11 -23.39 -13.40
N TRP B 158 -37.92 -22.82 -12.52
CA TRP B 158 -39.28 -23.33 -12.32
C TRP B 158 -40.35 -22.43 -12.95
N ASN B 159 -41.01 -23.17 -13.78
CA ASN B 159 -42.15 -22.84 -14.58
C ASN B 159 -42.22 -21.41 -15.05
N SER B 160 -41.96 -21.18 -16.32
CA SER B 160 -42.02 -19.82 -16.89
C SER B 160 -41.17 -18.81 -16.14
N GLY B 161 -40.34 -19.33 -15.25
CA GLY B 161 -39.49 -18.44 -14.42
C GLY B 161 -40.33 -17.95 -13.24
N SER B 162 -41.63 -17.87 -13.47
CA SER B 162 -42.64 -17.43 -12.52
C SER B 162 -42.55 -18.09 -11.15
N LEU B 163 -42.33 -19.40 -11.24
CA LEU B 163 -42.25 -20.26 -10.06
C LEU B 163 -40.88 -20.16 -9.39
N SER B 164 -40.85 -19.24 -8.45
CA SER B 164 -39.69 -18.96 -7.59
C SER B 164 -40.28 -19.05 -6.15
N SER B 165 -41.55 -19.46 -6.17
CA SER B 165 -42.40 -19.66 -4.97
C SER B 165 -41.79 -20.83 -4.18
N SER B 166 -40.83 -20.47 -3.34
CA SER B 166 -40.13 -21.46 -2.53
C SER B 166 -39.48 -22.56 -3.37
N VAL B 167 -38.53 -22.15 -4.16
CA VAL B 167 -37.76 -23.09 -4.98
C VAL B 167 -36.56 -23.42 -4.07
N HIS B 168 -35.95 -24.53 -4.18
CA HIS B 168 -34.81 -24.97 -3.39
C HIS B 168 -33.92 -25.75 -4.38
N THR B 169 -32.77 -25.23 -4.71
CA THR B 169 -31.90 -26.01 -5.63
C THR B 169 -30.84 -26.64 -4.73
N PHE B 170 -30.48 -27.87 -4.83
CA PHE B 170 -29.41 -28.38 -3.93
C PHE B 170 -28.14 -28.51 -4.77
N PRO B 171 -26.99 -28.41 -4.15
CA PRO B 171 -25.71 -28.51 -4.86
C PRO B 171 -25.67 -29.89 -5.50
N ALA B 172 -25.01 -29.95 -6.63
CA ALA B 172 -24.83 -31.19 -7.41
C ALA B 172 -23.73 -32.00 -6.73
N LEU B 173 -23.81 -33.31 -6.86
CA LEU B 173 -22.82 -34.23 -6.28
C LEU B 173 -22.35 -35.20 -7.35
N LEU B 174 -21.09 -35.53 -7.33
CA LEU B 174 -20.57 -36.48 -8.35
C LEU B 174 -20.95 -37.87 -7.82
N GLN B 175 -21.50 -38.66 -8.66
CA GLN B 175 -21.92 -40.06 -8.40
C GLN B 175 -21.37 -40.80 -9.63
N SER B 176 -20.53 -41.80 -9.45
CA SER B 176 -19.95 -42.56 -10.55
C SER B 176 -19.31 -41.72 -11.66
N GLY B 177 -18.70 -40.61 -11.35
CA GLY B 177 -18.08 -39.76 -12.37
C GLY B 177 -19.10 -38.92 -13.15
N LEU B 178 -20.31 -38.81 -12.64
CA LEU B 178 -21.35 -37.99 -13.27
C LEU B 178 -22.10 -37.22 -12.19
N TYR B 179 -22.54 -36.01 -12.51
CA TYR B 179 -23.28 -35.25 -11.50
C TYR B 179 -24.76 -35.59 -11.43
N THR B 180 -25.32 -35.35 -10.28
CA THR B 180 -26.75 -35.56 -10.00
C THR B 180 -27.12 -34.39 -9.09
N MET B 181 -28.24 -33.79 -9.36
CA MET B 181 -28.73 -32.62 -8.60
C MET B 181 -30.26 -32.60 -8.58
N SER B 182 -30.90 -32.02 -7.60
CA SER B 182 -32.38 -31.94 -7.52
C SER B 182 -32.86 -30.52 -7.23
N SER B 183 -34.06 -30.15 -7.60
CA SER B 183 -34.66 -28.82 -7.34
C SER B 183 -36.10 -29.03 -6.84
N SER B 184 -36.57 -28.28 -5.84
CA SER B 184 -37.95 -28.47 -5.35
C SER B 184 -38.70 -27.15 -5.26
N VAL B 185 -39.94 -27.11 -5.63
CA VAL B 185 -40.77 -25.88 -5.57
C VAL B 185 -41.98 -26.27 -4.71
N THR B 186 -42.33 -25.49 -3.72
CA THR B 186 -43.51 -25.81 -2.89
C THR B 186 -44.61 -24.87 -3.36
N VAL B 187 -45.74 -25.29 -3.82
CA VAL B 187 -46.78 -24.30 -4.29
C VAL B 187 -48.10 -24.63 -3.64
N PRO B 188 -49.07 -23.72 -3.69
CA PRO B 188 -50.41 -23.92 -3.09
C PRO B 188 -51.18 -24.96 -3.88
N SER B 189 -51.73 -25.95 -3.22
CA SER B 189 -52.51 -27.02 -3.84
C SER B 189 -53.66 -26.47 -4.66
N SER B 190 -53.98 -25.22 -4.56
CA SER B 190 -55.06 -24.62 -5.37
C SER B 190 -54.48 -24.38 -6.78
N THR B 191 -53.19 -24.55 -6.98
CA THR B 191 -52.63 -24.32 -8.33
C THR B 191 -52.19 -25.57 -9.05
N TRP B 192 -51.52 -26.54 -8.56
CA TRP B 192 -51.13 -27.80 -9.22
C TRP B 192 -52.05 -28.83 -8.52
N PRO B 193 -52.73 -29.69 -9.24
CA PRO B 193 -52.68 -29.96 -10.66
C PRO B 193 -53.52 -29.20 -11.60
N SER B 194 -54.34 -28.36 -11.05
CA SER B 194 -55.22 -27.48 -11.83
C SER B 194 -54.48 -26.62 -12.82
N GLU B 195 -53.19 -26.44 -12.71
CA GLU B 195 -52.38 -25.59 -13.59
C GLU B 195 -51.02 -26.25 -13.74
N THR B 196 -50.38 -25.95 -14.86
CA THR B 196 -49.09 -26.58 -15.19
C THR B 196 -47.92 -26.08 -14.39
N VAL B 197 -47.07 -27.04 -14.06
CA VAL B 197 -45.81 -26.85 -13.33
C VAL B 197 -44.79 -27.66 -14.18
N THR B 198 -43.79 -27.01 -14.66
CA THR B 198 -42.72 -27.56 -15.48
C THR B 198 -41.39 -27.08 -14.94
N CYS B 199 -40.40 -27.90 -14.77
CA CYS B 199 -39.09 -27.39 -14.29
C CYS B 199 -38.31 -27.34 -15.60
N SER B 200 -37.56 -26.35 -15.93
CA SER B 200 -36.83 -26.40 -17.22
C SER B 200 -35.36 -26.44 -16.79
N VAL B 201 -34.65 -27.45 -17.23
CA VAL B 201 -33.25 -27.67 -16.93
C VAL B 201 -32.40 -27.36 -18.18
N ALA B 202 -31.43 -26.48 -18.02
CA ALA B 202 -30.51 -26.07 -19.10
C ALA B 202 -29.09 -26.54 -18.79
N HIS B 203 -28.43 -27.11 -19.76
CA HIS B 203 -27.05 -27.62 -19.64
C HIS B 203 -26.24 -27.06 -20.82
N PRO B 204 -25.67 -25.89 -20.59
CA PRO B 204 -24.89 -25.14 -21.56
C PRO B 204 -23.81 -25.95 -22.24
N ALA B 205 -23.05 -26.63 -21.40
CA ALA B 205 -21.95 -27.48 -21.79
C ALA B 205 -22.27 -28.40 -22.98
N SER B 206 -23.53 -28.72 -23.15
CA SER B 206 -23.94 -29.64 -24.24
C SER B 206 -25.17 -29.06 -24.91
N SER B 207 -25.33 -27.76 -24.74
CA SER B 207 -26.47 -27.03 -25.30
C SER B 207 -27.83 -27.56 -24.91
N THR B 208 -27.97 -28.64 -24.19
CA THR B 208 -29.26 -29.23 -23.82
C THR B 208 -30.20 -28.42 -22.96
N THR B 209 -31.44 -28.31 -23.42
CA THR B 209 -32.55 -27.63 -22.73
C THR B 209 -33.72 -28.64 -22.68
N VAL B 210 -34.12 -29.01 -21.49
CA VAL B 210 -35.19 -29.98 -21.26
C VAL B 210 -36.31 -29.34 -20.43
N ASP B 211 -37.53 -29.74 -20.75
CA ASP B 211 -38.74 -29.28 -20.11
C ASP B 211 -39.50 -30.43 -19.49
N LYS B 212 -39.84 -30.35 -18.22
CA LYS B 212 -40.61 -31.49 -17.66
C LYS B 212 -41.83 -30.92 -16.93
N LYS B 213 -43.00 -31.20 -17.48
CA LYS B 213 -44.29 -30.79 -16.90
C LYS B 213 -44.60 -31.90 -15.87
N LEU B 214 -44.97 -31.57 -14.66
CA LEU B 214 -45.23 -32.55 -13.60
C LEU B 214 -46.67 -33.02 -13.61
N GLU B 215 -46.86 -34.30 -13.69
CA GLU B 215 -48.13 -35.01 -13.74
C GLU B 215 -48.39 -35.80 -12.47
N PRO B 216 -49.65 -35.89 -12.10
CA PRO B 216 -50.05 -36.59 -10.88
C PRO B 216 -50.03 -38.11 -10.99
N SER B 217 -49.93 -38.70 -9.80
CA SER B 217 -49.89 -40.09 -9.46
C SER B 217 -48.48 -40.69 -9.28
N ASP C 1 20.09 -7.46 10.33
CA ASP C 1 19.74 -6.18 9.70
C ASP C 1 19.87 -6.36 8.19
N ILE C 2 19.01 -5.71 7.44
CA ILE C 2 19.10 -5.75 5.98
C ILE C 2 19.72 -4.43 5.60
N GLN C 3 20.83 -4.53 4.92
CA GLN C 3 21.58 -3.36 4.45
C GLN C 3 21.09 -3.04 3.05
N MET C 4 20.96 -1.81 2.68
CA MET C 4 20.53 -1.26 1.39
C MET C 4 21.73 -0.62 0.67
N THR C 5 22.02 -0.91 -0.55
CA THR C 5 23.16 -0.36 -1.30
C THR C 5 22.63 0.43 -2.48
N GLN C 6 22.80 1.71 -2.46
CA GLN C 6 22.30 2.59 -3.54
C GLN C 6 23.49 2.90 -4.45
N SER C 7 23.23 3.02 -5.71
CA SER C 7 24.24 3.30 -6.74
C SER C 7 23.58 4.04 -7.89
N PRO C 8 24.17 4.95 -8.58
CA PRO C 8 25.51 5.46 -8.33
C PRO C 8 25.35 6.55 -7.28
N ALA C 9 26.46 7.01 -6.73
CA ALA C 9 26.49 8.09 -5.73
C ALA C 9 26.10 9.41 -6.36
N SER C 10 26.45 9.69 -7.61
CA SER C 10 26.07 10.95 -8.26
C SER C 10 25.70 10.72 -9.73
N LEU C 11 24.93 11.66 -10.26
CA LEU C 11 24.49 11.70 -11.62
C LEU C 11 24.37 13.17 -12.08
N SER C 12 24.75 13.28 -13.33
CA SER C 12 24.64 14.57 -14.04
C SER C 12 23.77 14.22 -15.23
N ALA C 13 22.72 14.94 -15.51
CA ALA C 13 21.87 14.59 -16.65
C ALA C 13 21.18 15.85 -17.17
N SER C 14 20.88 15.84 -18.47
CA SER C 14 20.24 16.96 -19.10
C SER C 14 18.70 16.80 -19.05
N VAL C 15 18.07 18.00 -19.11
CA VAL C 15 16.62 17.97 -19.14
C VAL C 15 16.18 17.02 -20.26
N GLY C 16 15.25 16.13 -20.08
CA GLY C 16 14.73 15.21 -21.09
C GLY C 16 15.25 13.81 -21.02
N GLU C 17 16.31 13.62 -20.28
CA GLU C 17 16.98 12.33 -20.09
C GLU C 17 16.21 11.44 -19.14
N THR C 18 16.67 10.21 -19.09
CA THR C 18 16.23 9.10 -18.30
C THR C 18 17.40 8.73 -17.39
N VAL C 19 17.09 8.65 -16.12
CA VAL C 19 18.05 8.36 -15.06
C VAL C 19 17.61 7.09 -14.36
N THR C 20 18.54 6.20 -14.10
CA THR C 20 18.33 4.95 -13.40
C THR C 20 19.18 4.95 -12.09
N ILE C 21 18.44 4.84 -10.99
CA ILE C 21 19.08 4.80 -9.65
C ILE C 21 18.75 3.37 -9.22
N THR C 22 19.63 2.70 -8.63
CA THR C 22 19.48 1.31 -8.19
C THR C 22 19.56 1.17 -6.73
N CYS C 23 18.94 0.21 -6.10
CA CYS C 23 18.99 -0.08 -4.69
C CYS C 23 18.97 -1.57 -4.53
N ARG C 24 19.91 -2.17 -3.90
CA ARG C 24 19.99 -3.61 -3.66
C ARG C 24 19.86 -3.84 -2.13
N ALA C 25 19.11 -4.81 -1.71
CA ALA C 25 18.97 -5.17 -0.33
C ALA C 25 19.80 -6.42 -0.07
N SER C 26 20.30 -6.53 1.13
CA SER C 26 21.09 -7.74 1.45
C SER C 26 20.21 -8.93 1.74
N GLY C 27 18.89 -8.81 1.69
CA GLY C 27 17.98 -9.92 1.95
C GLY C 27 16.71 -9.54 1.21
N ASN C 28 15.84 -10.47 0.89
CA ASN C 28 14.59 -10.10 0.24
C ASN C 28 13.82 -9.15 1.17
N ILE C 29 13.25 -8.06 0.63
CA ILE C 29 12.49 -7.09 1.39
C ILE C 29 11.04 -7.06 0.97
N HIS C 30 10.74 -8.06 0.19
CA HIS C 30 9.41 -8.34 -0.33
C HIS C 30 8.70 -7.13 -0.81
N ASN C 31 9.21 -6.24 -1.61
CA ASN C 31 8.55 -5.06 -2.15
C ASN C 31 8.27 -3.92 -1.17
N TYR C 32 8.72 -4.02 0.04
CA TYR C 32 8.61 -3.02 1.08
C TYR C 32 9.80 -2.07 0.88
N LEU C 33 9.73 -1.19 -0.08
CA LEU C 33 10.75 -0.23 -0.41
C LEU C 33 10.11 1.15 -0.69
N ALA C 34 10.74 2.22 -0.23
CA ALA C 34 10.23 3.56 -0.49
C ALA C 34 11.37 4.36 -1.09
N TRP C 35 11.04 5.42 -1.82
CA TRP C 35 11.98 6.36 -2.42
C TRP C 35 11.65 7.79 -2.00
N TYR C 36 12.65 8.56 -1.63
CA TYR C 36 12.52 9.94 -1.20
C TYR C 36 13.33 10.93 -2.00
N GLN C 37 12.80 12.11 -2.22
CA GLN C 37 13.68 13.11 -2.89
C GLN C 37 14.03 14.14 -1.78
N GLN C 38 15.24 14.63 -1.73
CA GLN C 38 15.59 15.64 -0.72
C GLN C 38 16.29 16.84 -1.37
N LYS C 39 15.67 17.99 -1.25
CA LYS C 39 16.26 19.25 -1.75
C LYS C 39 16.98 19.90 -0.56
N GLN C 40 18.06 20.55 -0.88
CA GLN C 40 18.99 21.25 0.03
C GLN C 40 18.41 21.70 1.36
N GLY C 41 18.77 20.86 2.34
CA GLY C 41 18.41 21.03 3.75
C GLY C 41 16.94 21.27 4.06
N LYS C 42 16.11 20.53 3.34
CA LYS C 42 14.69 20.52 3.53
C LYS C 42 14.45 19.03 3.88
N SER C 43 13.33 18.77 4.47
CA SER C 43 12.92 17.42 4.88
C SER C 43 12.74 16.55 3.62
N PRO C 44 13.13 15.29 3.74
CA PRO C 44 12.95 14.37 2.61
C PRO C 44 11.51 14.34 2.26
N GLN C 45 11.19 14.11 1.01
CA GLN C 45 9.82 14.02 0.46
C GLN C 45 9.62 12.61 -0.14
N LEU C 46 8.54 11.95 0.28
CA LEU C 46 8.20 10.65 -0.21
C LEU C 46 7.84 10.79 -1.70
N LEU C 47 8.43 9.95 -2.50
CA LEU C 47 8.14 9.90 -3.93
C LEU C 47 7.27 8.64 -4.27
N VAL C 48 7.80 7.44 -4.10
CA VAL C 48 7.27 6.15 -4.39
C VAL C 48 7.19 5.24 -3.15
N TYR C 49 6.17 4.42 -2.94
CA TYR C 49 6.08 3.50 -1.81
C TYR C 49 5.69 2.10 -2.34
N TYR C 50 5.84 1.10 -1.52
CA TYR C 50 5.50 -0.29 -1.82
C TYR C 50 5.98 -0.61 -3.22
N THR C 51 7.22 -0.28 -3.45
CA THR C 51 8.03 -0.42 -4.64
C THR C 51 7.59 0.35 -5.86
N THR C 52 6.32 0.24 -6.17
CA THR C 52 5.78 0.91 -7.33
C THR C 52 4.76 2.00 -7.18
N THR C 53 4.29 2.40 -6.01
CA THR C 53 3.20 3.32 -5.85
C THR C 53 3.58 4.76 -5.61
N LEU C 54 3.12 5.56 -6.55
CA LEU C 54 3.42 7.00 -6.51
C LEU C 54 2.64 7.70 -5.41
N ALA C 55 3.34 8.58 -4.67
CA ALA C 55 2.69 9.38 -3.61
C ALA C 55 1.82 10.39 -4.35
N ASP C 56 0.82 10.95 -3.76
CA ASP C 56 -0.13 11.89 -4.34
C ASP C 56 0.69 13.07 -4.87
N GLY C 57 0.29 13.53 -6.04
CA GLY C 57 0.98 14.70 -6.64
C GLY C 57 2.42 14.53 -7.06
N VAL C 58 2.88 13.31 -7.20
CA VAL C 58 4.23 12.98 -7.68
C VAL C 58 3.92 12.71 -9.16
N PRO C 59 4.71 13.20 -10.06
CA PRO C 59 4.45 12.99 -11.47
C PRO C 59 4.86 11.60 -11.90
N SER C 60 4.09 11.22 -12.90
CA SER C 60 4.17 9.97 -13.60
C SER C 60 5.53 9.67 -14.12
N ARG C 61 6.41 10.61 -14.34
CA ARG C 61 7.74 10.30 -14.90
C ARG C 61 8.58 9.60 -13.88
N PHE C 62 8.11 9.61 -12.64
CA PHE C 62 8.94 8.84 -11.66
C PHE C 62 8.44 7.38 -11.84
N SER C 63 9.23 6.35 -11.79
CA SER C 63 8.78 4.98 -11.90
C SER C 63 9.65 4.01 -11.12
N GLY C 64 9.07 3.36 -10.12
CA GLY C 64 9.85 2.39 -9.37
C GLY C 64 9.45 0.95 -9.81
N SER C 65 10.38 0.05 -9.63
CA SER C 65 10.19 -1.36 -9.94
C SER C 65 11.20 -2.15 -9.11
N GLY C 66 11.02 -3.43 -8.96
CA GLY C 66 11.93 -4.35 -8.27
C GLY C 66 11.21 -5.48 -7.59
N SER C 67 11.95 -6.43 -7.04
CA SER C 67 11.39 -7.53 -6.28
C SER C 67 12.54 -8.27 -5.61
N GLY C 68 12.30 -8.98 -4.52
CA GLY C 68 13.48 -9.67 -3.94
C GLY C 68 14.36 -8.57 -3.31
N THR C 69 15.59 -8.55 -3.84
CA THR C 69 16.60 -7.64 -3.40
C THR C 69 17.02 -6.59 -4.39
N GLN C 70 16.54 -6.62 -5.60
CA GLN C 70 16.92 -5.69 -6.66
C GLN C 70 15.85 -4.69 -6.94
N TYR C 71 16.03 -3.36 -6.82
CA TYR C 71 14.93 -2.42 -7.08
C TYR C 71 15.36 -1.24 -7.88
N SER C 72 14.54 -0.45 -8.56
CA SER C 72 15.09 0.69 -9.28
C SER C 72 14.11 1.82 -9.27
N LEU C 73 14.60 2.99 -9.54
CA LEU C 73 13.82 4.19 -9.65
C LEU C 73 14.33 4.81 -10.97
N LYS C 74 13.44 5.07 -11.87
CA LYS C 74 13.83 5.72 -13.12
C LYS C 74 13.07 7.05 -13.21
N ILE C 75 13.75 8.09 -13.62
CA ILE C 75 13.15 9.40 -13.83
C ILE C 75 13.17 9.50 -15.38
N ASN C 76 12.04 9.42 -16.02
CA ASN C 76 11.97 9.50 -17.48
C ASN C 76 11.72 10.96 -17.83
N SER C 77 12.56 11.50 -18.68
CA SER C 77 12.36 12.89 -19.07
C SER C 77 12.49 13.85 -17.88
N LEU C 78 13.67 13.92 -17.36
CA LEU C 78 14.08 14.78 -16.26
C LEU C 78 13.63 16.24 -16.47
N GLN C 79 13.26 16.85 -15.37
CA GLN C 79 12.84 18.27 -15.36
C GLN C 79 13.79 18.99 -14.41
N PRO C 80 14.05 20.27 -14.62
CA PRO C 80 15.01 21.01 -13.75
C PRO C 80 14.70 20.80 -12.28
N GLU C 81 13.45 20.61 -11.92
CA GLU C 81 13.09 20.41 -10.54
C GLU C 81 13.69 19.17 -9.93
N ASP C 82 14.07 18.23 -10.74
CA ASP C 82 14.56 16.98 -10.18
C ASP C 82 15.90 16.99 -9.53
N PHE C 83 16.55 18.09 -9.30
CA PHE C 83 17.91 18.01 -8.68
C PHE C 83 17.74 17.67 -7.21
N GLY C 84 18.77 17.14 -6.60
CA GLY C 84 18.69 16.84 -5.16
C GLY C 84 19.26 15.45 -5.05
N SER C 85 18.99 14.93 -3.88
CA SER C 85 19.37 13.55 -3.52
C SER C 85 18.06 12.74 -3.50
N TYR C 86 18.28 11.48 -3.63
CA TYR C 86 17.21 10.47 -3.64
C TYR C 86 17.73 9.39 -2.70
N TYR C 87 16.81 8.81 -1.93
CA TYR C 87 17.16 7.75 -1.04
C TYR C 87 16.05 6.67 -1.13
N CYS C 88 16.58 5.48 -0.94
CA CYS C 88 15.64 4.37 -0.90
C CYS C 88 15.71 3.95 0.59
N GLN C 89 14.68 3.29 1.06
CA GLN C 89 14.51 2.77 2.40
C GLN C 89 13.65 1.50 2.39
N HIS C 90 14.12 0.49 3.08
CA HIS C 90 13.31 -0.74 3.18
C HIS C 90 12.43 -0.58 4.40
N PHE C 91 11.31 -1.23 4.42
CA PHE C 91 10.28 -1.23 5.47
C PHE C 91 9.92 -2.64 5.91
N TRP C 92 10.76 -3.56 5.46
CA TRP C 92 10.44 -4.96 5.75
C TRP C 92 10.66 -5.35 7.19
N SER C 93 11.77 -5.12 7.82
CA SER C 93 11.89 -5.54 9.23
C SER C 93 12.47 -4.34 9.94
N THR C 94 12.91 -4.57 11.17
CA THR C 94 13.56 -3.46 11.91
C THR C 94 14.95 -4.01 12.16
N PRO C 95 16.05 -3.29 12.11
CA PRO C 95 16.10 -1.87 11.84
C PRO C 95 15.80 -1.56 10.38
N ARG C 96 15.18 -0.42 10.13
CA ARG C 96 14.93 0.06 8.80
C ARG C 96 16.33 0.57 8.42
N THR C 97 16.60 0.79 7.19
CA THR C 97 17.84 1.15 6.52
C THR C 97 17.54 1.96 5.30
N PHE C 98 18.36 2.96 5.13
CA PHE C 98 18.34 3.91 4.01
C PHE C 98 19.49 3.59 3.08
N GLY C 99 19.38 3.73 1.80
CA GLY C 99 20.59 3.48 0.94
C GLY C 99 21.39 4.80 1.19
N GLY C 100 22.61 4.91 0.76
CA GLY C 100 23.51 6.05 0.90
C GLY C 100 23.19 7.34 0.21
N GLY C 101 22.32 7.34 -0.79
CA GLY C 101 21.88 8.51 -1.53
C GLY C 101 22.56 8.65 -2.87
N THR C 102 21.90 9.42 -3.73
CA THR C 102 22.37 9.73 -5.07
C THR C 102 22.12 11.23 -5.27
N LYS C 103 23.17 11.94 -5.60
CA LYS C 103 23.09 13.40 -5.84
C LYS C 103 22.94 13.58 -7.35
N LEU C 104 21.87 14.12 -7.82
CA LEU C 104 21.57 14.35 -9.21
C LEU C 104 21.67 15.85 -9.47
N GLU C 105 22.43 16.20 -10.48
CA GLU C 105 22.65 17.58 -10.92
C GLU C 105 22.19 17.64 -12.36
N LEU C 106 21.53 18.73 -12.74
CA LEU C 106 21.10 18.87 -14.12
C LEU C 106 22.24 19.59 -14.85
N LYS C 107 22.52 19.13 -16.04
CA LYS C 107 23.52 19.78 -16.89
C LYS C 107 22.75 20.89 -17.64
N ARG C 108 23.50 21.90 -18.03
CA ARG C 108 22.96 23.08 -18.76
C ARG C 108 24.15 23.71 -19.48
N ALA C 109 23.86 24.71 -20.32
CA ALA C 109 24.98 25.36 -21.05
C ALA C 109 25.92 26.07 -20.09
N ASP C 110 27.16 26.25 -20.45
CA ASP C 110 28.08 27.00 -19.59
C ASP C 110 27.57 28.46 -19.52
N ALA C 111 27.88 29.07 -18.40
CA ALA C 111 27.45 30.47 -18.15
C ALA C 111 28.51 31.03 -17.23
N ALA C 112 28.90 32.25 -17.43
CA ALA C 112 29.96 32.91 -16.65
C ALA C 112 29.43 33.70 -15.47
N PRO C 113 30.21 33.73 -14.39
CA PRO C 113 29.79 34.41 -13.17
C PRO C 113 29.59 35.88 -13.37
N THR C 114 28.84 36.53 -12.55
CA THR C 114 28.67 38.02 -12.65
C THR C 114 29.36 38.36 -11.35
N VAL C 115 30.51 39.01 -11.32
CA VAL C 115 31.20 39.26 -10.02
C VAL C 115 30.91 40.61 -9.38
N SER C 116 31.03 40.68 -8.07
CA SER C 116 30.84 41.89 -7.25
C SER C 116 31.87 41.74 -6.10
N ILE C 117 32.65 42.78 -5.95
CA ILE C 117 33.70 42.93 -4.93
C ILE C 117 33.15 44.03 -4.03
N PHE C 118 33.28 43.77 -2.76
CA PHE C 118 32.76 44.65 -1.71
C PHE C 118 33.89 45.05 -0.77
N PRO C 119 33.96 46.33 -0.50
CA PRO C 119 34.99 46.85 0.43
C PRO C 119 34.45 46.63 1.84
N PRO C 120 35.30 46.53 2.85
CA PRO C 120 34.87 46.37 4.24
C PRO C 120 34.01 47.58 4.60
N SER C 121 32.94 47.41 5.35
CA SER C 121 32.03 48.50 5.76
C SER C 121 32.59 49.15 7.03
N SER C 122 32.30 50.42 7.19
CA SER C 122 32.79 51.19 8.37
C SER C 122 32.68 50.38 9.66
N GLU C 123 31.50 49.84 9.91
CA GLU C 123 31.18 49.05 11.10
C GLU C 123 32.27 48.06 11.42
N GLN C 124 32.71 47.31 10.43
CA GLN C 124 33.76 46.31 10.65
C GLN C 124 35.11 46.94 10.95
N LEU C 125 35.41 48.03 10.25
CA LEU C 125 36.66 48.78 10.41
C LEU C 125 36.86 49.18 11.88
N THR C 126 35.79 49.66 12.46
CA THR C 126 35.69 50.08 13.85
C THR C 126 36.03 48.92 14.78
N SER C 127 35.48 47.77 14.45
CA SER C 127 35.70 46.55 15.21
C SER C 127 37.16 46.12 15.05
N GLY C 128 37.80 46.65 14.01
CA GLY C 128 39.22 46.27 13.82
C GLY C 128 39.31 45.11 12.84
N GLY C 129 38.19 44.95 12.13
CA GLY C 129 38.11 43.89 11.10
C GLY C 129 38.01 44.49 9.70
N ALA C 130 38.46 43.66 8.76
CA ALA C 130 38.45 44.07 7.34
C ALA C 130 38.26 42.86 6.45
N SER C 131 36.98 42.65 6.18
CA SER C 131 36.49 41.56 5.36
C SER C 131 36.10 42.13 4.01
N VAL C 132 36.82 41.68 3.01
CA VAL C 132 36.64 42.00 1.60
C VAL C 132 35.77 40.85 1.07
N VAL C 133 34.58 41.06 0.60
CA VAL C 133 33.67 40.03 0.09
C VAL C 133 33.48 40.13 -1.41
N CYS C 134 33.59 39.02 -2.07
CA CYS C 134 33.40 38.92 -3.54
C CYS C 134 32.40 37.81 -3.87
N PHE C 135 31.36 38.17 -4.58
CA PHE C 135 30.34 37.22 -5.01
C PHE C 135 30.53 36.96 -6.51
N LEU C 136 30.49 35.71 -6.90
CA LEU C 136 30.56 35.21 -8.28
C LEU C 136 29.25 34.42 -8.39
N ASN C 137 28.20 34.99 -8.89
CA ASN C 137 26.86 34.50 -9.03
C ASN C 137 26.40 34.01 -10.41
N ASN C 138 25.70 32.90 -10.43
CA ASN C 138 25.08 32.33 -11.60
C ASN C 138 25.94 31.85 -12.73
N PHE C 139 26.83 31.00 -12.38
CA PHE C 139 27.79 30.36 -13.30
C PHE C 139 27.48 28.86 -13.37
N TYR C 140 27.77 28.27 -14.48
CA TYR C 140 27.60 26.83 -14.69
C TYR C 140 28.81 26.48 -15.53
N PRO C 141 29.61 25.48 -15.35
CA PRO C 141 29.57 24.49 -14.32
C PRO C 141 30.13 24.99 -13.01
N LYS C 142 30.02 24.16 -11.98
CA LYS C 142 30.42 24.39 -10.62
C LYS C 142 31.87 24.77 -10.40
N ASP C 143 32.78 24.30 -11.22
CA ASP C 143 34.18 24.63 -11.03
C ASP C 143 34.51 26.04 -11.53
N ILE C 144 35.02 26.77 -10.57
CA ILE C 144 35.49 28.15 -10.73
C ILE C 144 36.72 28.34 -9.86
N ASN C 145 37.58 29.25 -10.26
CA ASN C 145 38.81 29.53 -9.48
C ASN C 145 38.74 31.04 -9.13
N VAL C 146 39.23 31.31 -7.94
CA VAL C 146 39.28 32.65 -7.38
C VAL C 146 40.67 32.92 -6.77
N LYS C 147 41.33 33.89 -7.39
CA LYS C 147 42.65 34.30 -6.89
C LYS C 147 42.30 35.65 -6.15
N TRP C 148 42.92 35.80 -5.00
CA TRP C 148 42.72 37.05 -4.24
C TRP C 148 44.06 37.80 -4.45
N LYS C 149 43.92 39.02 -4.92
CA LYS C 149 45.09 39.86 -5.18
C LYS C 149 44.96 41.16 -4.40
N ILE C 150 45.92 41.28 -3.49
CA ILE C 150 46.11 42.43 -2.64
C ILE C 150 47.40 43.05 -3.24
N ASP C 151 47.24 44.21 -3.84
CA ASP C 151 48.34 44.95 -4.47
C ASP C 151 49.19 44.07 -5.41
N GLY C 152 48.49 43.33 -6.25
CA GLY C 152 49.05 42.43 -7.24
C GLY C 152 49.51 41.11 -6.64
N SER C 153 49.76 41.15 -5.35
CA SER C 153 50.22 39.95 -4.61
C SER C 153 49.01 39.08 -4.25
N GLU C 154 49.10 37.84 -4.70
CA GLU C 154 48.07 36.81 -4.49
C GLU C 154 48.12 36.32 -3.06
N ARG C 155 46.95 36.27 -2.43
CA ARG C 155 46.80 35.82 -1.03
C ARG C 155 46.34 34.36 -1.08
N GLN C 156 46.72 33.62 -0.07
CA GLN C 156 46.38 32.17 0.03
C GLN C 156 46.09 31.87 1.49
N ASN C 157 45.42 32.83 2.11
CA ASN C 157 45.07 32.77 3.54
C ASN C 157 43.85 33.66 3.78
N GLY C 158 43.26 33.46 4.95
CA GLY C 158 42.11 34.18 5.43
C GLY C 158 41.02 34.35 4.38
N VAL C 159 40.86 33.35 3.54
CA VAL C 159 39.83 33.41 2.50
C VAL C 159 38.87 32.23 2.72
N LEU C 160 37.61 32.54 2.62
CA LEU C 160 36.56 31.54 2.81
C LEU C 160 35.70 31.60 1.54
N ASP C 161 35.40 30.41 1.07
CA ASP C 161 34.56 30.24 -0.13
C ASP C 161 33.38 29.38 0.30
N SER C 162 32.28 29.56 -0.36
CA SER C 162 31.04 28.80 -0.05
C SER C 162 30.18 28.83 -1.30
N TRP C 163 29.80 27.66 -1.74
CA TRP C 163 28.96 27.47 -2.92
C TRP C 163 27.51 27.21 -2.51
N THR C 164 26.69 27.43 -3.48
CA THR C 164 25.24 27.25 -3.46
C THR C 164 24.91 25.92 -4.08
N ASP C 165 23.73 25.38 -3.79
CA ASP C 165 23.30 24.11 -4.42
C ASP C 165 22.88 24.60 -5.83
N GLN C 166 22.41 23.72 -6.65
CA GLN C 166 22.01 24.21 -7.98
C GLN C 166 20.73 25.01 -7.86
N ASP C 167 20.52 26.00 -8.69
CA ASP C 167 19.33 26.83 -8.67
C ASP C 167 18.18 26.16 -9.43
N SER C 168 17.10 26.01 -8.71
CA SER C 168 15.83 25.42 -9.12
C SER C 168 15.37 25.93 -10.47
N LYS C 169 15.42 27.24 -10.71
CA LYS C 169 15.03 27.86 -11.98
C LYS C 169 16.02 27.63 -13.13
N ASP C 170 17.10 28.41 -13.20
CA ASP C 170 18.10 28.30 -14.26
C ASP C 170 19.20 27.27 -14.05
N SER C 171 19.17 26.39 -13.10
CA SER C 171 20.16 25.35 -12.84
C SER C 171 21.58 25.81 -12.71
N THR C 172 21.79 27.00 -12.29
CA THR C 172 23.04 27.74 -12.08
C THR C 172 23.68 27.60 -10.77
N TYR C 173 24.94 27.96 -10.55
CA TYR C 173 25.57 27.88 -9.25
C TYR C 173 25.96 29.32 -8.90
N SER C 174 26.26 29.54 -7.64
CA SER C 174 26.69 30.86 -7.14
C SER C 174 27.74 30.53 -6.05
N MET C 175 28.57 31.49 -5.75
CA MET C 175 29.63 31.35 -4.77
C MET C 175 29.97 32.69 -4.13
N SER C 176 30.56 32.63 -2.94
CA SER C 176 31.05 33.77 -2.18
C SER C 176 32.55 33.51 -1.89
N SER C 177 33.24 34.61 -1.77
CA SER C 177 34.67 34.57 -1.39
C SER C 177 34.79 35.75 -0.41
N THR C 178 35.30 35.48 0.76
CA THR C 178 35.51 36.47 1.81
C THR C 178 36.99 36.40 2.26
N LEU C 179 37.66 37.52 2.13
CA LEU C 179 39.07 37.65 2.58
C LEU C 179 38.91 38.55 3.83
N THR C 180 39.44 38.06 4.92
CA THR C 180 39.35 38.86 6.17
C THR C 180 40.79 39.21 6.57
N LEU C 181 40.96 40.49 6.88
CA LEU C 181 42.23 41.04 7.34
C LEU C 181 41.87 41.82 8.63
N THR C 182 42.90 42.31 9.28
CA THR C 182 42.73 43.16 10.46
C THR C 182 42.70 44.57 9.82
N LYS C 183 41.97 45.48 10.39
CA LYS C 183 41.83 46.84 9.86
C LYS C 183 43.15 47.43 9.42
N ASP C 184 44.15 47.36 10.27
CA ASP C 184 45.49 47.92 9.95
C ASP C 184 46.13 47.21 8.74
N GLU C 185 46.11 45.90 8.69
CA GLU C 185 46.68 45.14 7.57
C GLU C 185 46.07 45.65 6.26
N TYR C 186 44.78 45.85 6.36
CA TYR C 186 43.94 46.36 5.28
C TYR C 186 44.38 47.76 4.84
N GLU C 187 44.39 48.71 5.76
CA GLU C 187 44.79 50.12 5.50
C GLU C 187 46.21 50.25 4.98
N ARG C 188 46.98 49.22 5.22
CA ARG C 188 48.36 49.03 4.82
C ARG C 188 48.48 48.64 3.34
N HIS C 189 47.44 48.70 2.53
CA HIS C 189 47.49 48.34 1.08
C HIS C 189 46.45 49.11 0.28
N ASN C 190 46.37 48.96 -1.06
CA ASN C 190 45.32 49.75 -1.77
C ASN C 190 44.52 49.05 -2.86
N SER C 191 45.12 48.20 -3.67
CA SER C 191 44.32 47.50 -4.71
C SER C 191 43.98 46.14 -4.10
N TYR C 192 42.69 45.84 -4.13
CA TYR C 192 42.11 44.58 -3.60
C TYR C 192 41.43 43.98 -4.83
N THR C 193 41.81 42.73 -5.08
CA THR C 193 41.31 42.05 -6.27
C THR C 193 40.86 40.63 -6.11
N CYS C 194 39.79 40.39 -6.85
CA CYS C 194 39.08 39.10 -6.96
C CYS C 194 39.15 38.74 -8.46
N GLU C 195 39.77 37.62 -8.71
CA GLU C 195 39.95 37.12 -10.06
C GLU C 195 39.40 35.73 -10.28
N ALA C 196 38.29 35.74 -11.01
CA ALA C 196 37.63 34.47 -11.33
C ALA C 196 38.25 33.78 -12.54
N THR C 197 38.62 32.53 -12.31
CA THR C 197 39.16 31.63 -13.34
C THR C 197 38.10 30.51 -13.51
N HIS C 198 37.39 30.62 -14.63
CA HIS C 198 36.30 29.71 -14.98
C HIS C 198 36.41 29.23 -16.41
N LYS C 199 36.12 27.98 -16.63
CA LYS C 199 36.09 27.27 -17.92
C LYS C 199 35.55 28.08 -19.08
N THR C 200 34.62 28.98 -18.86
CA THR C 200 34.01 29.82 -19.88
C THR C 200 34.92 30.89 -20.44
N SER C 201 36.12 30.96 -19.91
CA SER C 201 37.07 31.99 -20.43
C SER C 201 38.50 31.57 -20.20
N THR C 202 39.32 32.20 -21.01
CA THR C 202 40.77 31.99 -21.06
C THR C 202 41.45 33.11 -20.30
N SER C 203 40.67 34.17 -20.08
CA SER C 203 41.11 35.38 -19.37
C SER C 203 40.26 35.63 -18.15
N PRO C 204 40.89 35.67 -16.97
CA PRO C 204 40.22 35.87 -15.70
C PRO C 204 39.24 37.02 -15.59
N ILE C 205 38.09 36.73 -14.95
CA ILE C 205 37.05 37.75 -14.73
C ILE C 205 37.57 38.45 -13.46
N VAL C 206 38.24 39.57 -13.68
CA VAL C 206 38.81 40.31 -12.53
C VAL C 206 37.87 41.46 -12.15
N LYS C 207 37.88 41.72 -10.87
CA LYS C 207 37.11 42.78 -10.22
C LYS C 207 38.06 43.29 -9.12
N SER C 208 38.26 44.59 -9.11
CA SER C 208 39.19 45.19 -8.12
C SER C 208 38.58 46.43 -7.49
N PHE C 209 39.21 46.86 -6.42
CA PHE C 209 38.74 48.10 -5.73
C PHE C 209 39.97 48.77 -5.10
N ASN C 210 39.83 50.08 -4.91
CA ASN C 210 40.87 50.93 -4.34
C ASN C 210 40.41 51.59 -3.03
N ARG C 211 41.15 51.24 -2.01
CA ARG C 211 41.03 51.61 -0.63
C ARG C 211 40.54 52.99 -0.26
N ASN C 212 40.57 53.96 -1.15
CA ASN C 212 40.13 55.32 -0.77
C ASN C 212 39.10 55.92 -1.72
N GLU C 213 38.42 55.07 -2.48
CA GLU C 213 37.41 55.56 -3.43
C GLU C 213 36.07 54.86 -3.20
N CYS C 214 35.05 55.45 -3.79
CA CYS C 214 33.67 54.96 -3.78
C CYS C 214 33.21 54.89 -5.24
N GLN D 1 -2.02 20.60 8.00
CA GLN D 1 -2.85 20.00 9.03
C GLN D 1 -2.10 18.88 9.77
N VAL D 2 -1.56 17.95 9.02
CA VAL D 2 -0.75 16.92 9.71
C VAL D 2 0.56 17.71 9.91
N GLN D 3 1.08 17.74 11.12
CA GLN D 3 2.32 18.48 11.42
C GLN D 3 3.07 17.70 12.51
N LEU D 4 4.35 17.65 12.38
CA LEU D 4 5.31 17.04 13.29
C LEU D 4 6.29 18.19 13.57
N LYS D 5 6.59 18.43 14.83
CA LYS D 5 7.52 19.57 15.06
C LYS D 5 8.53 19.16 16.04
N GLU D 6 9.77 19.16 15.72
CA GLU D 6 10.73 18.71 16.77
C GLU D 6 11.33 19.82 17.56
N SER D 7 11.68 19.57 18.81
CA SER D 7 12.29 20.60 19.68
C SER D 7 13.44 20.04 20.47
N GLY D 8 14.57 20.67 20.42
CA GLY D 8 15.76 20.20 21.15
C GLY D 8 16.65 21.37 21.55
N PRO D 9 17.76 21.11 22.22
CA PRO D 9 18.66 22.12 22.71
C PRO D 9 19.61 22.79 21.77
N GLY D 10 19.83 22.37 20.53
CA GLY D 10 20.74 23.11 19.66
C GLY D 10 22.18 22.88 19.92
N LEU D 11 22.59 22.88 21.17
CA LEU D 11 24.03 22.65 21.48
C LEU D 11 24.12 21.89 22.78
N VAL D 12 25.01 20.92 22.81
CA VAL D 12 25.24 20.14 24.00
C VAL D 12 26.74 19.85 24.06
N ALA D 13 27.29 19.68 25.21
CA ALA D 13 28.73 19.43 25.23
C ALA D 13 28.89 17.93 25.10
N PRO D 14 30.02 17.52 24.59
CA PRO D 14 30.23 16.09 24.47
C PRO D 14 30.19 15.56 25.89
N SER D 15 29.80 14.35 26.06
CA SER D 15 29.65 13.45 27.14
C SER D 15 28.31 13.62 27.85
N GLN D 16 27.53 14.57 27.43
CA GLN D 16 26.25 14.83 28.06
C GLN D 16 25.24 13.96 27.34
N SER D 17 24.01 14.06 27.72
CA SER D 17 22.78 13.43 27.34
C SER D 17 21.92 14.34 26.52
N LEU D 18 21.13 13.80 25.59
CA LEU D 18 20.29 14.70 24.76
C LEU D 18 18.85 14.25 24.88
N SER D 19 17.93 15.17 24.82
CA SER D 19 16.50 14.88 24.91
C SER D 19 15.85 15.78 23.84
N ILE D 20 15.14 15.23 22.90
CA ILE D 20 14.47 15.90 21.81
C ILE D 20 13.00 15.49 21.86
N THR D 21 12.05 16.38 21.74
CA THR D 21 10.63 16.07 21.77
C THR D 21 10.11 16.29 20.34
N CYS D 22 9.17 15.47 19.93
CA CYS D 22 8.55 15.61 18.62
C CYS D 22 7.08 15.85 18.98
N THR D 23 6.55 17.02 18.72
CA THR D 23 5.14 17.32 19.07
C THR D 23 4.35 17.12 17.80
N VAL D 24 3.35 16.25 17.76
CA VAL D 24 2.56 15.94 16.57
C VAL D 24 1.19 16.59 16.68
N SER D 25 0.64 16.82 15.49
CA SER D 25 -0.68 17.49 15.37
C SER D 25 -1.38 17.07 14.10
N GLY D 26 -2.67 16.85 14.20
CA GLY D 26 -3.57 16.46 13.13
C GLY D 26 -3.75 14.97 12.99
N PHE D 27 -3.26 14.19 13.94
CA PHE D 27 -3.38 12.72 13.87
C PHE D 27 -3.12 12.20 15.28
N SER D 28 -3.51 11.00 15.59
CA SER D 28 -3.31 10.46 16.95
C SER D 28 -2.24 9.41 16.94
N LEU D 29 -1.36 9.45 17.87
CA LEU D 29 -0.24 8.52 17.99
C LEU D 29 -0.68 7.09 18.25
N THR D 30 -1.97 6.80 18.21
CA THR D 30 -2.32 5.37 18.48
C THR D 30 -2.51 4.68 17.16
N GLY D 31 -2.71 5.44 16.10
CA GLY D 31 -2.88 4.81 14.79
C GLY D 31 -1.67 4.87 13.89
N TYR D 32 -0.64 5.63 14.21
CA TYR D 32 0.52 5.76 13.37
C TYR D 32 1.78 5.56 14.18
N GLY D 33 2.87 5.23 13.53
CA GLY D 33 4.16 5.04 14.22
C GLY D 33 4.91 6.32 13.92
N VAL D 34 5.88 6.64 14.70
CA VAL D 34 6.72 7.83 14.52
C VAL D 34 8.12 7.21 14.53
N ASN D 35 8.90 7.55 13.53
CA ASN D 35 10.28 7.11 13.34
C ASN D 35 11.19 8.34 13.60
N TRP D 36 12.39 8.05 13.99
CA TRP D 36 13.40 9.08 14.24
C TRP D 36 14.54 8.79 13.24
N VAL D 37 14.90 9.82 12.53
CA VAL D 37 15.95 9.80 11.51
C VAL D 37 16.84 11.01 11.77
N ARG D 38 18.08 10.79 11.54
CA ARG D 38 19.13 11.84 11.74
C ARG D 38 19.97 12.10 10.52
N GLN D 39 20.45 13.28 10.25
CA GLN D 39 21.27 13.53 9.06
C GLN D 39 22.53 14.32 9.42
N PRO D 40 23.68 13.68 9.49
CA PRO D 40 24.95 14.36 9.77
C PRO D 40 25.18 15.33 8.62
N PRO D 41 25.84 16.44 8.82
CA PRO D 41 26.09 17.45 7.78
C PRO D 41 26.83 16.80 6.60
N GLY D 42 26.18 17.01 5.44
CA GLY D 42 26.76 16.45 4.23
C GLY D 42 26.73 14.93 4.17
N LYS D 43 25.87 14.29 4.96
CA LYS D 43 25.81 12.81 4.84
C LYS D 43 24.33 12.49 4.51
N GLY D 44 24.17 11.19 4.46
CA GLY D 44 22.88 10.55 4.22
C GLY D 44 22.10 10.44 5.52
N LEU D 45 20.90 10.02 5.29
CA LEU D 45 19.84 9.79 6.28
C LEU D 45 20.21 8.57 7.06
N GLU D 46 20.11 8.53 8.36
CA GLU D 46 20.40 7.38 9.25
C GLU D 46 19.21 7.10 10.15
N TRP D 47 18.59 5.94 10.13
CA TRP D 47 17.42 5.60 10.94
C TRP D 47 17.88 5.36 12.38
N LEU D 48 17.18 6.06 13.29
CA LEU D 48 17.52 5.94 14.73
C LEU D 48 16.71 4.89 15.43
N GLY D 49 15.41 4.89 15.16
CA GLY D 49 14.46 3.96 15.76
C GLY D 49 13.05 4.38 15.55
N MET D 50 12.13 3.67 16.18
CA MET D 50 10.71 3.98 16.04
C MET D 50 9.87 3.47 17.21
N ILE D 51 8.70 4.04 17.29
CA ILE D 51 7.65 3.69 18.23
C ILE D 51 6.37 3.47 17.35
N TRP D 52 5.83 2.24 17.46
CA TRP D 52 4.62 1.85 16.72
C TRP D 52 3.37 2.37 17.40
N GLY D 53 2.24 2.24 16.71
CA GLY D 53 0.96 2.70 17.27
C GLY D 53 0.76 2.08 18.64
N ASP D 54 1.03 0.77 18.73
CA ASP D 54 0.82 0.00 19.96
C ASP D 54 1.88 0.14 21.03
N GLY D 55 2.68 1.18 20.96
CA GLY D 55 3.72 1.45 21.93
C GLY D 55 4.99 0.66 21.82
N ASN D 56 5.10 -0.31 20.95
CA ASN D 56 6.32 -1.08 20.81
C ASN D 56 7.36 -0.20 20.12
N THR D 57 8.58 -0.28 20.59
CA THR D 57 9.72 0.50 20.09
C THR D 57 10.78 -0.35 19.43
N ASP D 58 11.49 0.22 18.48
CA ASP D 58 12.57 -0.50 17.74
C ASP D 58 13.68 0.55 17.63
N TYR D 59 14.93 0.19 17.80
CA TYR D 59 16.13 0.96 17.80
C TYR D 59 17.19 0.45 16.81
N ASN D 60 18.00 1.39 16.33
CA ASN D 60 19.12 1.12 15.41
C ASN D 60 20.06 0.21 16.15
N SER D 61 20.56 -0.84 15.57
CA SER D 61 21.46 -1.80 16.19
C SER D 61 22.67 -1.16 16.83
N ALA D 62 23.26 -0.19 16.21
CA ALA D 62 24.44 0.43 16.76
C ALA D 62 24.15 1.38 17.89
N LEU D 63 23.02 2.02 17.98
CA LEU D 63 22.72 2.95 19.07
C LEU D 63 21.87 2.32 20.15
N LYS D 64 21.47 1.09 20.07
CA LYS D 64 20.63 0.33 21.01
C LYS D 64 21.01 0.63 22.43
N SER D 65 22.29 0.70 22.74
CA SER D 65 22.70 0.99 24.12
C SER D 65 22.59 2.43 24.58
N ARG D 66 22.58 3.43 23.79
CA ARG D 66 22.49 4.83 24.19
C ARG D 66 21.16 5.45 24.05
N LEU D 67 20.29 4.86 23.28
CA LEU D 67 18.97 5.37 22.91
C LEU D 67 17.77 4.85 23.65
N SER D 68 16.72 5.62 23.79
CA SER D 68 15.47 5.29 24.43
C SER D 68 14.34 6.06 23.70
N ILE D 69 13.27 5.38 23.30
CA ILE D 69 12.18 6.13 22.64
C ILE D 69 10.89 5.89 23.44
N SER D 70 10.05 6.90 23.51
CA SER D 70 8.80 6.70 24.27
C SER D 70 7.83 7.76 23.81
N LYS D 71 6.60 7.70 24.23
CA LYS D 71 5.61 8.70 23.81
C LYS D 71 4.56 8.88 24.89
N ASP D 72 3.67 9.81 24.63
CA ASP D 72 2.54 10.21 25.46
C ASP D 72 1.41 10.47 24.49
N ASN D 73 0.58 9.47 24.32
CA ASN D 73 -0.52 9.60 23.34
C ASN D 73 -1.39 10.79 23.66
N SER D 74 -1.63 11.05 24.90
CA SER D 74 -2.52 12.14 25.39
C SER D 74 -2.02 13.53 25.09
N LYS D 75 -0.71 13.61 25.19
CA LYS D 75 0.03 14.83 24.97
C LYS D 75 0.52 15.00 23.56
N SER D 76 0.43 13.98 22.73
CA SER D 76 0.86 14.04 21.32
C SER D 76 2.36 14.30 21.20
N GLN D 77 3.07 13.57 22.03
CA GLN D 77 4.51 13.66 22.08
C GLN D 77 5.19 12.31 22.03
N VAL D 78 6.29 12.31 21.28
CA VAL D 78 7.20 11.20 21.08
C VAL D 78 8.52 11.76 21.62
N PHE D 79 9.25 11.04 22.43
CA PHE D 79 10.52 11.54 22.94
C PHE D 79 11.72 10.67 22.60
N LEU D 80 12.84 11.25 22.24
CA LEU D 80 14.11 10.56 21.98
C LEU D 80 15.13 11.01 23.05
N LYS D 81 15.84 10.15 23.71
CA LYS D 81 16.85 10.41 24.70
C LYS D 81 18.10 9.64 24.26
N MET D 82 19.22 10.31 24.09
CA MET D 82 20.47 9.70 23.66
C MET D 82 21.49 10.11 24.74
N ASN D 83 22.07 9.10 25.34
CA ASN D 83 23.04 9.28 26.39
C ASN D 83 24.43 9.42 25.74
N SER D 84 25.39 9.82 26.53
CA SER D 84 26.78 9.98 26.19
C SER D 84 27.14 10.44 24.80
N LEU D 85 26.66 11.60 24.42
CA LEU D 85 26.96 12.14 23.11
C LEU D 85 28.48 12.28 22.87
N HIS D 86 28.81 12.30 21.61
CA HIS D 86 30.10 12.47 20.97
C HIS D 86 29.84 13.57 19.90
N THR D 87 30.95 14.07 19.41
CA THR D 87 30.82 15.15 18.38
C THR D 87 30.11 14.57 17.19
N ASP D 88 30.43 13.30 16.90
CA ASP D 88 29.82 12.60 15.76
C ASP D 88 28.31 12.53 15.83
N ASP D 89 27.70 12.93 16.92
CA ASP D 89 26.21 12.90 17.01
C ASP D 89 25.62 14.20 16.46
N THR D 90 26.48 15.10 16.03
CA THR D 90 26.07 16.38 15.42
C THR D 90 25.28 16.05 14.17
N ALA D 91 24.05 16.44 14.06
CA ALA D 91 23.25 16.11 12.86
C ALA D 91 21.97 16.89 12.93
N ARG D 92 21.12 16.80 11.93
CA ARG D 92 19.81 17.48 11.97
C ARG D 92 18.90 16.30 12.35
N TYR D 93 18.08 16.40 13.35
CA TYR D 93 17.20 15.36 13.84
C TYR D 93 15.77 15.59 13.37
N TYR D 94 15.22 14.45 12.90
CA TYR D 94 13.85 14.45 12.42
C TYR D 94 13.02 13.35 13.06
N CYS D 95 11.76 13.63 13.07
CA CYS D 95 10.71 12.69 13.57
C CYS D 95 9.83 12.63 12.30
N ALA D 96 9.33 11.49 11.98
CA ALA D 96 8.52 11.35 10.74
C ALA D 96 7.43 10.34 11.04
N ARG D 97 6.29 10.64 10.53
CA ARG D 97 5.10 9.81 10.72
C ARG D 97 5.11 8.66 9.74
N GLU D 98 4.94 7.45 10.24
CA GLU D 98 4.92 6.29 9.34
C GLU D 98 3.48 5.98 9.15
N ARG D 99 2.91 6.05 8.01
CA ARG D 99 1.52 5.67 7.74
C ARG D 99 1.54 4.39 6.92
N ASP D 100 1.39 3.22 7.43
CA ASP D 100 1.37 1.95 6.73
C ASP D 100 2.54 1.66 5.84
N TYR D 101 3.68 1.55 6.42
CA TYR D 101 4.95 1.25 5.73
C TYR D 101 5.50 2.24 4.78
N ARG D 102 5.36 3.51 5.10
CA ARG D 102 5.89 4.67 4.34
C ARG D 102 5.92 5.87 5.29
N LEU D 103 6.99 6.67 5.17
CA LEU D 103 7.12 7.89 6.01
C LEU D 103 6.45 8.98 5.19
N ASP D 104 5.25 9.38 5.49
CA ASP D 104 4.60 10.40 4.67
C ASP D 104 4.76 11.81 5.14
N TYR D 105 4.89 12.08 6.43
CA TYR D 105 5.03 13.47 6.87
C TYR D 105 6.30 13.47 7.72
N TRP D 106 7.16 14.42 7.40
CA TRP D 106 8.42 14.61 8.10
C TRP D 106 8.39 16.00 8.77
N GLY D 107 9.06 16.04 9.91
CA GLY D 107 9.15 17.34 10.63
C GLY D 107 10.20 18.16 9.89
N GLN D 108 10.29 19.43 10.23
CA GLN D 108 11.24 20.35 9.62
C GLN D 108 12.62 19.93 10.10
N GLY D 109 12.72 19.34 11.26
CA GLY D 109 14.08 18.97 11.76
C GLY D 109 14.62 20.03 12.70
N THR D 110 15.54 19.62 13.51
CA THR D 110 16.23 20.41 14.53
C THR D 110 17.72 20.14 14.42
N THR D 111 18.49 21.21 14.28
CA THR D 111 19.95 21.03 14.20
C THR D 111 20.47 20.83 15.62
N LEU D 112 21.41 19.91 15.73
CA LEU D 112 22.02 19.60 16.99
C LEU D 112 23.54 19.61 16.72
N THR D 113 24.18 20.48 17.44
CA THR D 113 25.61 20.69 17.39
C THR D 113 26.18 20.24 18.74
N VAL D 114 27.04 19.26 18.65
CA VAL D 114 27.71 18.68 19.79
C VAL D 114 29.09 19.34 19.92
N SER D 115 29.19 20.30 20.82
CA SER D 115 30.43 21.00 21.06
C SER D 115 30.58 21.66 22.41
N SER D 116 31.84 21.85 22.72
CA SER D 116 32.26 22.56 23.95
C SER D 116 32.26 24.07 23.69
N ALA D 117 32.28 24.49 22.42
CA ALA D 117 32.29 25.92 22.05
C ALA D 117 30.98 26.53 22.52
N SER D 118 30.94 27.86 22.49
CA SER D 118 29.74 28.54 22.99
C SER D 118 29.07 29.55 22.11
N THR D 119 27.80 29.64 22.47
CA THR D 119 26.89 30.52 21.80
C THR D 119 27.56 31.87 21.67
N THR D 120 27.55 32.37 20.48
CA THR D 120 28.07 33.68 20.13
C THR D 120 27.08 34.23 19.12
N PRO D 121 26.58 35.40 19.36
CA PRO D 121 25.66 36.04 18.41
C PRO D 121 26.48 36.42 17.18
N PRO D 122 25.77 36.62 16.08
CA PRO D 122 26.43 37.02 14.81
C PRO D 122 26.66 38.54 14.82
N SER D 123 27.57 39.00 14.00
CA SER D 123 27.92 40.42 13.78
C SER D 123 27.45 40.61 12.32
N VAL D 124 26.47 41.41 12.10
CA VAL D 124 25.90 41.70 10.77
C VAL D 124 26.36 43.02 10.20
N PHE D 125 26.92 42.98 9.01
CA PHE D 125 27.41 44.18 8.32
C PHE D 125 26.77 44.25 6.93
N PRO D 126 26.44 45.44 6.49
CA PRO D 126 25.83 45.61 5.16
C PRO D 126 26.95 45.55 4.13
N LEU D 127 26.62 45.11 2.94
CA LEU D 127 27.57 45.00 1.82
C LEU D 127 26.97 45.95 0.79
N ALA D 128 27.49 47.14 0.67
CA ALA D 128 26.98 48.17 -0.27
C ALA D 128 28.08 48.34 -1.32
N PRO D 129 27.66 48.70 -2.51
CA PRO D 129 28.55 48.78 -3.65
C PRO D 129 29.71 49.71 -3.70
N GLY D 130 29.41 50.87 -4.25
CA GLY D 130 30.40 51.98 -4.46
C GLY D 130 29.70 52.78 -5.59
N SER D 131 30.08 54.02 -5.69
CA SER D 131 29.48 54.94 -6.69
C SER D 131 29.42 54.35 -8.08
N ALA D 132 30.48 53.63 -8.41
CA ALA D 132 30.61 52.97 -9.70
C ALA D 132 29.36 52.19 -10.14
N ALA D 133 28.78 51.43 -9.23
CA ALA D 133 27.63 50.57 -9.41
C ALA D 133 26.30 51.03 -9.94
N GLN D 134 25.80 52.21 -9.70
CA GLN D 134 24.47 52.60 -10.20
C GLN D 134 24.36 52.84 -11.70
N THR D 135 25.42 52.58 -12.44
CA THR D 135 25.37 52.76 -13.90
C THR D 135 24.81 51.52 -14.59
N ASN D 136 24.73 50.39 -13.90
CA ASN D 136 24.18 49.16 -14.49
C ASN D 136 22.67 49.13 -14.15
N SER D 137 21.94 48.32 -14.89
CA SER D 137 20.50 48.13 -14.76
C SER D 137 20.06 47.50 -13.42
N MET D 138 20.96 46.75 -12.85
CA MET D 138 20.78 46.08 -11.58
C MET D 138 22.08 46.12 -10.75
N VAL D 139 21.80 46.12 -9.46
CA VAL D 139 22.79 46.13 -8.40
C VAL D 139 22.60 44.93 -7.46
N THR D 140 23.73 44.49 -6.97
CA THR D 140 23.83 43.39 -6.01
C THR D 140 24.28 43.97 -4.66
N LEU D 141 23.51 43.69 -3.64
CA LEU D 141 23.83 44.19 -2.28
C LEU D 141 24.14 42.97 -1.46
N GLY D 142 24.45 43.13 -0.19
CA GLY D 142 24.74 41.88 0.58
C GLY D 142 24.75 42.13 2.07
N CYS D 143 24.97 41.04 2.77
CA CYS D 143 25.04 40.99 4.22
C CYS D 143 26.10 39.99 4.64
N LEU D 144 26.94 40.41 5.53
CA LEU D 144 27.98 39.52 6.09
C LEU D 144 27.45 39.20 7.49
N VAL D 145 27.49 37.98 7.88
CA VAL D 145 27.00 37.50 9.22
C VAL D 145 28.22 36.74 9.69
N LYS D 146 29.01 37.51 10.43
CA LYS D 146 30.31 37.04 10.93
C LYS D 146 30.38 36.70 12.39
N GLY D 147 31.19 35.68 12.67
CA GLY D 147 31.49 35.12 13.95
C GLY D 147 30.36 34.70 14.85
N TYR D 148 29.51 33.78 14.45
CA TYR D 148 28.39 33.33 15.28
C TYR D 148 28.55 31.84 15.54
N PHE D 149 27.84 31.39 16.56
CA PHE D 149 27.87 29.96 16.93
C PHE D 149 26.70 29.64 17.87
N PRO D 150 26.00 28.52 17.75
CA PRO D 150 26.18 27.46 16.75
C PRO D 150 25.33 27.79 15.53
N GLU D 151 25.19 26.89 14.59
CA GLU D 151 24.31 27.09 13.41
C GLU D 151 22.92 26.73 13.85
N PRO D 152 21.83 27.11 13.24
CA PRO D 152 21.68 27.96 12.07
C PRO D 152 21.31 29.41 12.40
N VAL D 153 21.30 30.22 11.36
CA VAL D 153 20.97 31.63 11.30
C VAL D 153 19.95 31.78 10.16
N THR D 154 18.96 32.61 10.29
CA THR D 154 18.00 32.80 9.20
C THR D 154 18.17 34.21 8.61
N VAL D 155 18.53 34.34 7.35
CA VAL D 155 18.71 35.63 6.72
C VAL D 155 17.51 35.94 5.83
N THR D 156 16.98 37.12 5.97
CA THR D 156 15.82 37.48 5.13
C THR D 156 15.99 38.88 4.61
N TRP D 157 15.35 39.13 3.49
CA TRP D 157 15.42 40.48 2.87
C TRP D 157 14.05 41.14 2.95
N ASN D 158 14.06 42.40 3.26
CA ASN D 158 12.82 43.21 3.37
C ASN D 158 11.70 42.38 4.02
N SER D 159 12.07 41.84 5.17
CA SER D 159 11.14 41.05 5.98
C SER D 159 10.45 39.95 5.19
N GLY D 160 11.17 39.37 4.24
CA GLY D 160 10.65 38.29 3.41
C GLY D 160 10.01 38.78 2.14
N SER D 161 9.79 40.07 2.01
CA SER D 161 9.15 40.66 0.82
C SER D 161 10.09 40.70 -0.37
N LEU D 162 11.36 40.38 -0.12
CA LEU D 162 12.37 40.37 -1.21
C LEU D 162 12.89 38.94 -1.34
N SER D 163 12.31 38.16 -2.23
CA SER D 163 12.73 36.76 -2.40
C SER D 163 13.46 36.45 -3.70
N SER D 164 13.22 37.28 -4.69
CA SER D 164 13.87 37.08 -6.02
C SER D 164 15.29 37.62 -5.94
N GLY D 165 16.13 36.89 -6.66
CA GLY D 165 17.56 37.07 -6.83
C GLY D 165 18.32 37.08 -5.53
N VAL D 166 17.86 36.29 -4.59
CA VAL D 166 18.50 36.21 -3.28
C VAL D 166 19.36 34.96 -3.29
N HIS D 167 20.60 35.04 -2.92
CA HIS D 167 21.43 33.85 -2.86
C HIS D 167 21.92 33.83 -1.42
N THR D 168 21.61 32.89 -0.62
CA THR D 168 22.18 32.88 0.74
C THR D 168 23.25 31.79 0.62
N PHE D 169 24.45 32.04 1.09
CA PHE D 169 25.50 31.03 1.01
C PHE D 169 25.63 30.33 2.35
N PRO D 170 25.73 29.01 2.34
CA PRO D 170 25.94 28.17 3.49
C PRO D 170 27.08 28.67 4.37
N ALA D 171 26.96 28.48 5.67
CA ALA D 171 27.92 28.94 6.66
C ALA D 171 29.20 28.17 6.52
N VAL D 172 30.31 28.78 6.80
CA VAL D 172 31.62 28.10 6.75
C VAL D 172 32.15 28.16 8.16
N LEU D 173 32.83 27.18 8.71
CA LEU D 173 33.30 27.29 10.11
C LEU D 173 34.80 27.56 10.13
N GLN D 174 35.19 28.73 10.62
CA GLN D 174 36.62 29.09 10.69
C GLN D 174 37.25 28.45 11.94
N SER D 175 37.06 29.12 13.06
CA SER D 175 37.61 28.62 14.35
C SER D 175 36.50 28.77 15.38
N ASP D 176 35.70 27.74 15.47
CA ASP D 176 34.55 27.66 16.35
C ASP D 176 33.60 28.83 16.21
N LEU D 177 33.63 29.42 15.02
CA LEU D 177 32.75 30.56 14.70
C LEU D 177 32.36 30.42 13.23
N TYR D 178 31.12 30.77 12.93
CA TYR D 178 30.60 30.65 11.56
C TYR D 178 30.48 31.98 10.85
N THR D 179 30.67 31.99 9.56
CA THR D 179 30.56 33.21 8.74
C THR D 179 29.66 32.82 7.55
N LEU D 180 28.66 33.60 7.36
CA LEU D 180 27.65 33.41 6.31
C LEU D 180 27.46 34.75 5.59
N SER D 181 26.99 34.67 4.37
CA SER D 181 26.75 35.87 3.59
C SER D 181 25.54 35.64 2.69
N SER D 182 24.84 36.68 2.32
CA SER D 182 23.74 36.53 1.38
C SER D 182 23.80 37.75 0.47
N SER D 183 23.41 37.65 -0.75
CA SER D 183 23.34 38.73 -1.72
C SER D 183 21.90 38.73 -2.26
N VAL D 184 21.47 39.89 -2.68
CA VAL D 184 20.14 40.10 -3.27
C VAL D 184 20.52 41.02 -4.45
N THR D 185 19.83 40.79 -5.52
CA THR D 185 20.09 41.62 -6.73
C THR D 185 18.76 42.28 -7.01
N VAL D 186 18.79 43.57 -7.10
CA VAL D 186 17.61 44.38 -7.36
C VAL D 186 17.88 45.38 -8.46
N PRO D 187 16.81 45.78 -9.12
CA PRO D 187 16.88 46.77 -10.19
C PRO D 187 17.39 48.08 -9.66
N SER D 188 18.24 48.77 -10.40
CA SER D 188 18.77 50.07 -9.96
C SER D 188 17.64 51.09 -9.75
N SER D 189 16.41 50.88 -10.12
CA SER D 189 15.28 51.86 -9.90
C SER D 189 15.07 51.95 -8.38
N PRO D 190 14.86 50.82 -7.70
CA PRO D 190 14.72 50.67 -6.27
C PRO D 190 15.83 51.15 -5.33
N ARG D 191 17.02 50.58 -5.20
CA ARG D 191 18.07 51.05 -4.24
C ARG D 191 18.96 52.06 -4.94
N PRO D 192 19.29 53.18 -4.33
CA PRO D 192 19.02 53.68 -3.00
C PRO D 192 17.73 54.35 -2.65
N SER D 193 17.01 54.79 -3.63
CA SER D 193 15.73 55.46 -3.58
C SER D 193 14.76 54.80 -2.64
N GLU D 194 14.81 53.49 -2.62
CA GLU D 194 13.94 52.67 -1.77
C GLU D 194 14.85 51.86 -0.85
N THR D 195 14.37 51.56 0.31
CA THR D 195 15.07 50.85 1.35
C THR D 195 15.06 49.34 1.19
N VAL D 196 16.25 48.81 1.43
CA VAL D 196 16.54 47.40 1.37
C VAL D 196 17.20 47.08 2.73
N THR D 197 16.54 46.17 3.41
CA THR D 197 16.99 45.72 4.73
C THR D 197 17.15 44.20 4.76
N CYS D 198 18.21 43.86 5.44
CA CYS D 198 18.65 42.47 5.67
C CYS D 198 18.39 42.04 7.09
N ASN D 199 17.33 41.26 7.30
CA ASN D 199 16.99 40.79 8.66
C ASN D 199 17.66 39.43 8.90
N VAL D 200 18.55 39.37 9.85
CA VAL D 200 19.33 38.26 10.29
C VAL D 200 18.95 37.73 11.68
N ALA D 201 18.46 36.52 11.80
CA ALA D 201 18.10 35.95 13.11
C ALA D 201 18.97 34.75 13.48
N HIS D 202 19.44 34.73 14.70
CA HIS D 202 20.28 33.67 15.31
C HIS D 202 19.46 33.22 16.52
N PRO D 203 18.76 32.12 16.37
CA PRO D 203 17.86 31.63 17.42
C PRO D 203 18.60 31.40 18.71
N ALA D 204 19.62 30.57 18.65
CA ALA D 204 20.47 30.23 19.80
C ALA D 204 20.95 31.42 20.59
N SER D 205 20.61 32.64 20.25
CA SER D 205 21.08 33.82 20.97
C SER D 205 20.01 34.84 21.24
N SER D 206 18.82 34.68 20.69
CA SER D 206 17.78 35.72 20.93
C SER D 206 18.24 37.00 20.25
N THR D 207 19.01 36.81 19.20
CA THR D 207 19.54 37.88 18.35
C THR D 207 18.62 38.00 17.13
N LYS D 208 18.21 39.21 16.87
CA LYS D 208 17.31 39.53 15.73
C LYS D 208 17.85 40.83 15.18
N VAL D 209 18.86 40.80 14.32
CA VAL D 209 19.47 41.99 13.75
C VAL D 209 18.85 42.38 12.42
N ASP D 210 18.61 43.66 12.25
CA ASP D 210 18.05 44.21 10.98
C ASP D 210 19.14 45.18 10.49
N LYS D 211 19.53 45.17 9.25
CA LYS D 211 20.59 46.10 8.78
C LYS D 211 20.09 46.79 7.54
N LYS D 212 20.19 48.09 7.40
CA LYS D 212 19.72 48.84 6.22
C LYS D 212 20.91 48.94 5.28
N ILE D 213 20.75 48.49 4.03
CA ILE D 213 21.90 48.59 3.08
C ILE D 213 21.75 50.03 2.55
N VAL D 214 22.69 50.80 3.06
CA VAL D 214 22.82 52.24 2.76
C VAL D 214 24.03 52.36 1.84
N PRO D 215 23.98 53.33 0.94
CA PRO D 215 25.05 53.56 -0.02
C PRO D 215 26.26 54.06 0.72
N ARG D 216 27.42 53.60 0.26
CA ARG D 216 28.66 54.07 0.92
C ARG D 216 28.88 55.48 0.35
N ASP D 217 28.36 56.41 1.14
CA ASP D 217 28.47 57.85 0.78
C ASP D 217 29.88 58.26 1.29
N CYS D 218 30.80 58.35 0.36
CA CYS D 218 32.20 58.71 0.62
C CYS D 218 32.82 59.32 -0.64
#